data_9VGW
#
_entry.id   9VGW
#
_cell.length_a   145.221
_cell.length_b   72.508
_cell.length_c   83.599
_cell.angle_alpha   90.00
_cell.angle_beta   90.00
_cell.angle_gamma   90.00
#
_symmetry.space_group_name_H-M   'P 21 21 2'
#
loop_
_entity.id
_entity.type
_entity.pdbx_description
1 polymer 'Proliferating cell nuclear antigen'
2 polymer 'peptide from DNA repair protein REV1'
3 water water
#
loop_
_entity_poly.entity_id
_entity_poly.type
_entity_poly.pdbx_seq_one_letter_code
_entity_poly.pdbx_strand_id
1 'polypeptide(L)'
;MFEARLVQGSILKKVLEALKDLINEACWDISSSGVNLQSMDSSHVSLVQLTLRSEGFDTYRCDRNLAMGVNLTSMSKILK
CAGNEDIITLRAEDNADTLALVFEAPNQEKVSDYEMKLMDLDVEQLGIPEQEYSCVVKMPSGEFARICRDLSHIGDAVVI
SCAKDGVKFSASGELGNGNIKLSQTSNVDKEEEAVTIEMNEPVQLTFALRYLNFFTKATPLSSTVTLSMSADVPLVVEYK
IADMGHLKYYLAPKIEDEEGS
;
A,B,C
2 'polypeptide(L)' SPQKLIDGFLKHE X,Y,Z
#
# COMPACT_ATOMS: atom_id res chain seq x y z
N MET A 1 41.72 -4.62 -12.64
CA MET A 1 40.28 -4.87 -12.77
C MET A 1 39.72 -5.66 -11.59
N PHE A 2 38.56 -5.21 -11.13
CA PHE A 2 37.75 -5.93 -10.16
C PHE A 2 36.48 -6.40 -10.87
N GLU A 3 36.12 -7.68 -10.68
CA GLU A 3 34.92 -8.22 -11.30
C GLU A 3 34.36 -9.36 -10.47
N ALA A 4 33.16 -9.19 -9.92
CA ALA A 4 32.49 -10.21 -9.13
C ALA A 4 31.15 -10.54 -9.75
N ARG A 5 30.91 -11.83 -9.98
CA ARG A 5 29.65 -12.33 -10.50
C ARG A 5 28.89 -12.99 -9.36
N LEU A 6 27.68 -12.49 -9.07
CA LEU A 6 26.81 -13.05 -8.05
C LEU A 6 25.56 -13.57 -8.74
N VAL A 7 25.36 -14.87 -8.70
CA VAL A 7 24.21 -15.45 -9.36
C VAL A 7 22.94 -15.09 -8.60
N GLN A 8 23.04 -15.05 -7.27
CA GLN A 8 21.91 -14.70 -6.43
C GLN A 8 21.92 -13.18 -6.24
N GLY A 9 21.56 -12.49 -7.33
CA GLY A 9 21.60 -11.04 -7.35
C GLY A 9 20.81 -10.41 -6.23
N SER A 10 19.75 -11.10 -5.76
CA SER A 10 18.85 -10.49 -4.80
C SER A 10 19.61 -10.07 -3.55
N ILE A 11 20.74 -10.70 -3.27
CA ILE A 11 21.50 -10.35 -2.09
C ILE A 11 21.95 -8.89 -2.18
N LEU A 12 22.48 -8.48 -3.32
CA LEU A 12 22.91 -7.10 -3.45
C LEU A 12 21.72 -6.16 -3.39
N LYS A 13 20.61 -6.56 -3.99
CA LYS A 13 19.37 -5.81 -3.91
C LYS A 13 18.97 -5.55 -2.45
N LYS A 14 18.90 -6.62 -1.65
CA LYS A 14 18.55 -6.52 -0.24
C LYS A 14 19.62 -5.78 0.54
N VAL A 15 20.89 -6.09 0.31
CA VAL A 15 21.93 -5.44 1.08
C VAL A 15 21.86 -3.93 0.90
N LEU A 16 21.59 -3.46 -0.31
CA LEU A 16 21.56 -2.02 -0.54
C LEU A 16 20.28 -1.42 0.02
N GLU A 17 19.16 -2.10 -0.19
CA GLU A 17 17.92 -1.71 0.44
C GLU A 17 18.16 -1.47 1.93
N ALA A 18 19.04 -2.27 2.55
CA ALA A 18 19.22 -2.22 3.99
C ALA A 18 20.23 -1.17 4.44
N LEU A 19 20.95 -0.55 3.51
CA LEU A 19 21.94 0.45 3.83
C LEU A 19 21.49 1.86 3.48
N LYS A 20 20.69 2.01 2.41
CA LYS A 20 20.39 3.33 1.87
C LYS A 20 19.71 4.22 2.91
N ASP A 21 18.88 3.65 3.78
CA ASP A 21 18.11 4.51 4.67
C ASP A 21 18.89 4.90 5.91
N LEU A 22 20.14 4.43 6.06
CA LEU A 22 20.95 4.76 7.22
C LEU A 22 22.19 5.59 6.90
N ILE A 23 22.82 5.32 5.74
CA ILE A 23 24.03 6.00 5.34
C ILE A 23 23.94 6.35 3.86
N ASN A 24 24.51 7.50 3.48
CA ASN A 24 24.38 8.00 2.10
C ASN A 24 25.58 7.60 1.24
N GLU A 25 26.79 7.78 1.77
CA GLU A 25 27.98 7.36 1.07
C GLU A 25 28.71 6.34 1.95
N ALA A 26 29.55 5.53 1.31
CA ALA A 26 30.38 4.59 2.05
C ALA A 26 31.53 4.13 1.17
N CYS A 27 32.61 3.68 1.82
CA CYS A 27 33.74 3.13 1.11
C CYS A 27 33.60 1.61 1.01
N TRP A 28 33.75 1.10 -0.20
CA TRP A 28 33.81 -0.33 -0.44
C TRP A 28 35.27 -0.72 -0.62
N ASP A 29 35.82 -1.41 0.38
CA ASP A 29 37.16 -2.01 0.28
C ASP A 29 37.05 -3.29 -0.52
N ILE A 30 37.52 -3.23 -1.77
CA ILE A 30 37.64 -4.41 -2.61
C ILE A 30 39.03 -4.97 -2.44
N SER A 31 39.13 -6.26 -2.14
CA SER A 31 40.42 -6.89 -1.90
C SER A 31 40.41 -8.34 -2.40
N SER A 32 41.58 -8.97 -2.35
CA SER A 32 41.69 -10.37 -2.73
C SER A 32 40.71 -11.23 -1.92
N SER A 33 40.49 -10.86 -0.66
CA SER A 33 39.60 -11.61 0.23
C SER A 33 38.14 -11.24 0.05
N GLY A 34 37.84 -10.10 -0.58
CA GLY A 34 36.49 -9.76 -1.00
C GLY A 34 36.07 -8.33 -0.69
N VAL A 35 34.79 -8.17 -0.32
CA VAL A 35 34.15 -6.87 -0.16
C VAL A 35 33.95 -6.58 1.31
N ASN A 36 34.33 -5.37 1.74
CA ASN A 36 34.24 -4.99 3.14
C ASN A 36 33.78 -3.53 3.22
N LEU A 37 32.62 -3.30 3.83
CA LEU A 37 32.07 -1.96 3.95
C LEU A 37 31.86 -1.65 5.43
N GLN A 38 32.32 -0.47 5.84
CA GLN A 38 32.34 -0.14 7.25
C GLN A 38 32.16 1.37 7.36
N SER A 39 30.94 1.81 7.69
CA SER A 39 30.55 3.21 7.62
C SER A 39 29.74 3.62 8.85
N MET A 40 29.87 4.88 9.24
CA MET A 40 29.05 5.45 10.30
C MET A 40 27.94 6.33 9.71
N ASP A 41 26.84 6.43 10.44
CA ASP A 41 25.78 7.32 10.01
C ASP A 41 26.23 8.76 10.28
N SER A 42 25.56 9.70 9.63
CA SER A 42 25.95 11.11 9.65
C SER A 42 26.09 11.69 11.06
N SER A 43 25.47 11.06 12.05
CA SER A 43 25.52 11.60 13.41
C SER A 43 26.36 10.74 14.34
N HIS A 44 27.02 9.70 13.81
CA HIS A 44 28.00 8.91 14.56
C HIS A 44 27.42 8.20 15.76
N VAL A 45 26.23 7.63 15.59
CA VAL A 45 25.56 6.91 16.66
C VAL A 45 25.60 5.41 16.36
N SER A 46 25.64 5.09 15.06
CA SER A 46 25.69 3.70 14.62
C SER A 46 26.84 3.48 13.64
N LEU A 47 27.24 2.22 13.52
CA LEU A 47 28.25 1.79 12.56
C LEU A 47 27.72 0.53 11.90
N VAL A 48 27.66 0.54 10.59
CA VAL A 48 27.29 -0.64 9.81
C VAL A 48 28.57 -1.25 9.23
N GLN A 49 28.60 -2.57 9.18
CA GLN A 49 29.79 -3.27 8.70
C GLN A 49 29.32 -4.47 7.91
N LEU A 50 29.51 -4.39 6.59
CA LEU A 50 29.14 -5.44 5.66
C LEU A 50 30.41 -6.19 5.24
N THR A 51 30.32 -7.51 5.25
CA THR A 51 31.37 -8.40 4.72
C THR A 51 30.73 -9.32 3.68
N LEU A 52 31.24 -9.26 2.45
CA LEU A 52 30.91 -10.25 1.44
C LEU A 52 32.22 -10.92 1.04
N ARG A 53 32.41 -12.14 1.51
CA ARG A 53 33.62 -12.91 1.21
C ARG A 53 33.68 -13.25 -0.28
N SER A 54 34.91 -13.29 -0.81
CA SER A 54 35.13 -13.53 -2.25
C SER A 54 34.53 -14.87 -2.69
N GLU A 55 34.74 -15.91 -1.88
CA GLU A 55 34.20 -17.24 -2.20
C GLU A 55 32.68 -17.26 -2.27
N GLY A 56 31.99 -16.28 -1.67
CA GLY A 56 30.55 -16.18 -1.80
C GLY A 56 30.10 -15.87 -3.23
N PHE A 57 31.01 -15.32 -4.05
CA PHE A 57 30.67 -14.96 -5.41
C PHE A 57 30.92 -16.11 -6.37
N ASP A 58 30.12 -16.16 -7.44
CA ASP A 58 30.19 -17.24 -8.40
C ASP A 58 31.52 -17.23 -9.18
N THR A 59 32.00 -16.05 -9.55
CA THR A 59 33.38 -15.83 -9.95
C THR A 59 33.81 -14.53 -9.28
N TYR A 60 35.08 -14.42 -8.93
CA TYR A 60 35.57 -13.25 -8.23
C TYR A 60 36.97 -12.96 -8.72
N ARG A 61 37.15 -11.76 -9.26
CA ARG A 61 38.45 -11.29 -9.68
C ARG A 61 38.73 -9.96 -9.00
N CYS A 62 39.94 -9.79 -8.50
CA CYS A 62 40.34 -8.55 -7.88
C CYS A 62 41.86 -8.45 -7.93
N ASP A 63 42.38 -7.60 -8.81
CA ASP A 63 43.81 -7.58 -9.08
C ASP A 63 44.54 -6.65 -8.09
N ARG A 64 44.02 -5.45 -7.88
CA ARG A 64 44.54 -4.54 -6.87
C ARG A 64 43.47 -4.28 -5.82
N ASN A 65 43.89 -3.82 -4.65
CA ASN A 65 42.96 -3.35 -3.65
C ASN A 65 42.42 -1.97 -4.04
N LEU A 66 41.14 -1.75 -3.76
CA LEU A 66 40.41 -0.57 -4.20
C LEU A 66 39.60 -0.01 -3.05
N ALA A 67 39.67 1.30 -2.89
CA ALA A 67 38.71 2.02 -2.08
C ALA A 67 37.71 2.69 -3.03
N MET A 68 36.55 2.06 -3.23
CA MET A 68 35.53 2.62 -4.10
C MET A 68 34.55 3.46 -3.26
N GLY A 69 34.73 4.78 -3.27
CA GLY A 69 33.76 5.66 -2.66
C GLY A 69 32.44 5.60 -3.41
N VAL A 70 31.38 5.15 -2.74
CA VAL A 70 30.13 4.86 -3.42
C VAL A 70 29.02 5.77 -2.86
N ASN A 71 28.23 6.31 -3.78
CA ASN A 71 26.96 6.95 -3.46
C ASN A 71 25.91 5.86 -3.33
N LEU A 72 25.50 5.58 -2.09
CA LEU A 72 24.51 4.53 -1.86
C LEU A 72 23.13 4.91 -2.38
N THR A 73 22.84 6.20 -2.53
CA THR A 73 21.56 6.55 -3.12
C THR A 73 21.55 6.18 -4.60
N SER A 74 22.63 6.51 -5.30
CA SER A 74 22.75 6.14 -6.72
C SER A 74 22.76 4.62 -6.87
N MET A 75 23.53 3.94 -6.03
CA MET A 75 23.63 2.50 -6.16
C MET A 75 22.28 1.85 -5.95
N SER A 76 21.57 2.23 -4.87
CA SER A 76 20.27 1.64 -4.57
C SER A 76 19.31 1.80 -5.74
N LYS A 77 19.27 3.01 -6.32
CA LYS A 77 18.36 3.22 -7.43
C LYS A 77 18.71 2.30 -8.60
N ILE A 78 20.00 2.05 -8.83
CA ILE A 78 20.42 1.15 -9.90
C ILE A 78 20.02 -0.28 -9.59
N LEU A 79 20.28 -0.72 -8.35
CA LEU A 79 19.92 -2.07 -7.97
C LEU A 79 18.41 -2.30 -8.03
N LYS A 80 17.60 -1.24 -7.99
CA LYS A 80 16.16 -1.42 -8.07
C LYS A 80 15.76 -1.80 -9.49
N CYS A 81 16.62 -1.52 -10.48
CA CYS A 81 16.39 -2.01 -11.83
C CYS A 81 16.73 -3.49 -12.01
N ALA A 82 17.36 -4.12 -11.01
CA ALA A 82 17.63 -5.55 -11.06
C ALA A 82 16.40 -6.37 -10.64
N GLY A 83 16.17 -7.46 -11.38
CA GLY A 83 15.16 -8.42 -11.01
C GLY A 83 15.65 -9.32 -9.89
N ASN A 84 14.69 -9.90 -9.15
CA ASN A 84 15.05 -10.66 -7.96
C ASN A 84 15.80 -11.94 -8.31
N GLU A 85 15.74 -12.38 -9.56
CA GLU A 85 16.43 -13.58 -9.99
C GLU A 85 17.55 -13.29 -10.98
N ASP A 86 17.95 -12.02 -11.10
CA ASP A 86 19.00 -11.64 -12.02
C ASP A 86 20.36 -12.12 -11.54
N ILE A 87 21.25 -12.33 -12.48
CA ILE A 87 22.64 -12.54 -12.18
C ILE A 87 23.35 -11.20 -12.24
N ILE A 88 23.94 -10.79 -11.14
CA ILE A 88 24.51 -9.46 -11.05
C ILE A 88 26.02 -9.58 -11.10
N THR A 89 26.65 -8.87 -12.03
CA THR A 89 28.10 -8.75 -12.11
C THR A 89 28.50 -7.31 -11.80
N LEU A 90 29.46 -7.15 -10.89
CA LEU A 90 30.11 -5.86 -10.69
C LEU A 90 31.44 -5.83 -11.43
N ARG A 91 31.80 -4.65 -11.95
CA ARG A 91 33.02 -4.49 -12.71
C ARG A 91 33.59 -3.10 -12.45
N ALA A 92 34.87 -3.03 -12.13
CA ALA A 92 35.57 -1.76 -12.03
C ALA A 92 36.97 -1.95 -12.60
N GLU A 93 37.40 -1.03 -13.46
CA GLU A 93 38.82 -0.97 -13.81
C GLU A 93 39.61 -0.49 -12.60
N ASP A 94 40.94 -0.70 -12.65
CA ASP A 94 41.77 -0.43 -11.48
C ASP A 94 41.92 1.06 -11.20
N ASN A 95 41.67 1.92 -12.19
CA ASN A 95 41.64 3.36 -11.93
C ASN A 95 40.56 3.72 -10.90
N ALA A 96 39.43 2.99 -10.91
CA ALA A 96 38.34 3.13 -9.96
C ALA A 96 37.59 4.46 -10.11
N ASP A 97 37.40 4.94 -11.36
CA ASP A 97 36.62 6.15 -11.56
C ASP A 97 35.13 5.84 -11.75
N THR A 98 34.78 4.65 -12.25
CA THR A 98 33.38 4.28 -12.36
C THR A 98 33.17 2.80 -12.04
N LEU A 99 31.93 2.47 -11.70
CA LEU A 99 31.53 1.11 -11.33
C LEU A 99 30.42 0.66 -12.26
N ALA A 100 30.56 -0.55 -12.81
CA ALA A 100 29.58 -1.09 -13.74
C ALA A 100 28.80 -2.21 -13.05
N LEU A 101 27.48 -2.19 -13.23
CA LEU A 101 26.63 -3.22 -12.68
C LEU A 101 25.87 -3.83 -13.85
N VAL A 102 26.06 -5.13 -14.08
CA VAL A 102 25.43 -5.84 -15.18
C VAL A 102 24.42 -6.81 -14.60
N PHE A 103 23.20 -6.81 -15.15
CA PHE A 103 22.12 -7.65 -14.67
C PHE A 103 21.72 -8.56 -15.81
N GLU A 104 21.90 -9.86 -15.61
CA GLU A 104 21.54 -10.87 -16.61
C GLU A 104 20.19 -11.45 -16.22
N ALA A 105 19.18 -11.18 -17.04
CA ALA A 105 17.87 -11.78 -16.84
C ALA A 105 18.02 -13.30 -16.88
N PRO A 106 17.39 -14.02 -15.94
CA PRO A 106 17.75 -15.43 -15.72
C PRO A 106 17.59 -16.29 -16.97
N ASN A 107 16.37 -16.35 -17.51
CA ASN A 107 16.14 -16.99 -18.80
C ASN A 107 16.14 -15.96 -19.91
N GLN A 108 15.27 -14.95 -19.77
CA GLN A 108 14.98 -13.97 -20.81
C GLN A 108 16.27 -13.51 -21.49
N GLU A 109 16.18 -13.28 -22.81
CA GLU A 109 17.24 -12.64 -23.55
C GLU A 109 17.11 -11.13 -23.38
N LYS A 110 17.43 -10.69 -22.15
CA LYS A 110 17.45 -9.30 -21.75
C LYS A 110 18.68 -9.11 -20.87
N VAL A 111 19.56 -8.17 -21.22
CA VAL A 111 20.73 -7.86 -20.41
C VAL A 111 20.81 -6.35 -20.21
N SER A 112 20.88 -5.93 -18.95
CA SER A 112 20.92 -4.54 -18.53
C SER A 112 22.32 -4.21 -18.06
N ASP A 113 22.78 -3.00 -18.40
CA ASP A 113 24.09 -2.54 -17.99
C ASP A 113 23.95 -1.11 -17.45
N TYR A 114 24.35 -0.91 -16.19
CA TYR A 114 24.35 0.41 -15.56
C TYR A 114 25.77 0.78 -15.15
N GLU A 115 25.99 2.09 -14.98
CA GLU A 115 27.34 2.60 -14.79
C GLU A 115 27.28 3.88 -13.94
N MET A 116 28.22 3.99 -13.01
CA MET A 116 28.11 4.92 -11.89
C MET A 116 29.49 5.46 -11.53
N LYS A 117 29.61 6.78 -11.38
CA LYS A 117 30.90 7.36 -11.04
C LYS A 117 31.26 7.05 -9.59
N LEU A 118 32.53 6.77 -9.34
CA LEU A 118 32.99 6.53 -7.98
C LEU A 118 33.62 7.80 -7.44
N MET A 119 33.66 7.89 -6.12
CA MET A 119 34.21 9.06 -5.46
C MET A 119 35.46 8.65 -4.70
N ASP A 120 36.30 9.63 -4.45
CA ASP A 120 37.50 9.45 -3.67
C ASP A 120 37.15 9.64 -2.19
N LEU A 121 37.28 8.59 -1.39
CA LEU A 121 36.62 8.62 -0.08
C LEU A 121 37.41 7.91 1.02
N GLN A 125 39.82 3.82 8.04
CA GLN A 125 39.26 2.61 8.64
C GLN A 125 39.63 2.44 10.13
N LEU A 126 38.68 2.76 11.01
CA LEU A 126 38.73 2.45 12.43
C LEU A 126 37.51 1.60 12.76
N GLY A 127 37.63 0.65 13.70
CA GLY A 127 36.57 -0.33 13.89
C GLY A 127 36.32 -0.68 15.35
N ILE A 128 35.25 -1.46 15.55
CA ILE A 128 34.93 -2.01 16.86
C ILE A 128 35.78 -3.27 17.04
N PRO A 129 36.65 -3.31 18.06
CA PRO A 129 37.47 -4.50 18.29
C PRO A 129 36.60 -5.69 18.66
N GLU A 130 37.01 -6.88 18.21
CA GLU A 130 36.33 -8.09 18.62
C GLU A 130 36.33 -8.22 20.14
N GLN A 131 35.19 -8.62 20.68
CA GLN A 131 35.07 -8.79 22.12
C GLN A 131 34.05 -9.86 22.44
N GLU A 132 34.10 -10.32 23.70
CA GLU A 132 33.11 -11.21 24.26
C GLU A 132 31.91 -10.37 24.69
N TYR A 133 30.73 -10.98 24.68
CA TYR A 133 29.51 -10.27 25.07
C TYR A 133 28.78 -11.04 26.16
N SER A 134 28.43 -10.33 27.25
CA SER A 134 27.70 -10.93 28.36
C SER A 134 26.41 -11.60 27.90
N CYS A 135 25.74 -11.07 26.87
CA CYS A 135 24.52 -11.69 26.38
C CYS A 135 24.51 -11.73 24.87
N VAL A 136 24.20 -12.90 24.31
CA VAL A 136 23.97 -13.02 22.88
C VAL A 136 22.63 -13.68 22.66
N VAL A 137 21.72 -12.96 22.04
CA VAL A 137 20.40 -13.49 21.76
C VAL A 137 20.36 -13.82 20.28
N LYS A 138 20.00 -15.06 19.98
CA LYS A 138 19.62 -15.48 18.64
C LYS A 138 18.11 -15.63 18.64
N MET A 139 17.45 -14.96 17.69
CA MET A 139 16.00 -14.85 17.70
C MET A 139 15.53 -14.59 16.29
N PRO A 140 14.26 -14.86 15.96
CA PRO A 140 13.79 -14.64 14.60
C PRO A 140 13.91 -13.18 14.22
N SER A 141 14.41 -12.92 13.01
CA SER A 141 14.53 -11.54 12.55
C SER A 141 13.16 -10.85 12.53
N GLY A 142 12.14 -11.54 12.02
CA GLY A 142 10.81 -10.96 11.91
C GLY A 142 10.26 -10.53 13.26
N GLU A 143 10.44 -11.39 14.26
CA GLU A 143 9.99 -11.07 15.61
C GLU A 143 10.69 -9.81 16.11
N PHE A 144 12.01 -9.77 16.00
CA PHE A 144 12.76 -8.62 16.45
C PHE A 144 12.28 -7.36 15.75
N ALA A 145 11.92 -7.49 14.47
CA ALA A 145 11.38 -6.37 13.71
C ALA A 145 10.02 -5.91 14.26
N ARG A 146 9.09 -6.86 14.49
CA ARG A 146 7.80 -6.48 15.04
C ARG A 146 7.98 -5.79 16.39
N ILE A 147 8.82 -6.35 17.26
CA ILE A 147 9.05 -5.76 18.57
C ILE A 147 9.44 -4.30 18.42
N CYS A 148 10.45 -4.02 17.58
CA CYS A 148 10.95 -2.65 17.45
C CYS A 148 9.89 -1.71 16.84
N ARG A 149 9.17 -2.19 15.83
CA ARG A 149 8.09 -1.40 15.26
C ARG A 149 7.04 -1.09 16.33
N ASP A 150 6.50 -2.14 16.96
CA ASP A 150 5.51 -2.01 18.02
C ASP A 150 5.98 -1.03 19.09
N LEU A 151 7.14 -1.30 19.70
CA LEU A 151 7.56 -0.51 20.85
C LEU A 151 7.80 0.96 20.48
N SER A 152 8.05 1.27 19.20
CA SER A 152 8.29 2.65 18.80
C SER A 152 7.00 3.45 18.72
N HIS A 153 5.84 2.78 18.73
CA HIS A 153 4.58 3.51 18.87
C HIS A 153 4.33 3.94 20.32
N ILE A 154 5.08 3.40 21.28
CA ILE A 154 4.92 3.76 22.67
C ILE A 154 5.97 4.79 23.09
N GLY A 155 7.22 4.61 22.66
CA GLY A 155 8.27 5.55 23.02
C GLY A 155 9.39 5.62 21.99
N ASP A 156 10.47 6.34 22.36
CA ASP A 156 11.65 6.52 21.53
C ASP A 156 12.77 5.58 21.89
N ALA A 157 12.90 5.20 23.17
CA ALA A 157 13.95 4.32 23.65
C ALA A 157 13.39 2.95 24.04
N VAL A 158 14.19 1.90 23.86
CA VAL A 158 13.86 0.58 24.40
C VAL A 158 14.94 0.20 25.39
N VAL A 159 14.51 -0.31 26.55
CA VAL A 159 15.40 -0.97 27.50
C VAL A 159 15.38 -2.46 27.22
N ILE A 160 16.52 -3.00 26.78
CA ILE A 160 16.70 -4.44 26.58
C ILE A 160 17.26 -5.04 27.87
N SER A 161 16.56 -6.05 28.40
CA SER A 161 17.00 -6.77 29.59
C SER A 161 17.13 -8.24 29.25
N CYS A 162 18.36 -8.77 29.38
CA CYS A 162 18.64 -10.16 29.08
C CYS A 162 19.00 -10.87 30.38
N ALA A 163 18.39 -12.05 30.60
CA ALA A 163 18.62 -12.86 31.80
C ALA A 163 18.71 -14.32 31.39
N LYS A 164 18.72 -15.23 32.37
CA LYS A 164 18.78 -16.66 32.08
C LYS A 164 17.48 -17.10 31.42
N ASP A 165 16.34 -16.68 31.98
CA ASP A 165 15.03 -17.11 31.50
C ASP A 165 14.74 -16.60 30.10
N GLY A 166 14.82 -15.28 29.90
CA GLY A 166 14.52 -14.70 28.60
C GLY A 166 15.07 -13.30 28.44
N VAL A 167 14.62 -12.64 27.36
CA VAL A 167 14.99 -11.27 27.04
C VAL A 167 13.71 -10.44 26.98
N LYS A 168 13.76 -9.22 27.54
CA LYS A 168 12.60 -8.35 27.71
C LYS A 168 12.88 -7.00 27.07
N PHE A 169 11.91 -6.46 26.33
CA PHE A 169 12.01 -5.16 25.71
C PHE A 169 10.89 -4.28 26.27
N SER A 170 11.22 -3.06 26.70
CA SER A 170 10.22 -2.20 27.31
C SER A 170 10.47 -0.77 26.92
N ALA A 171 9.39 -0.05 26.64
CA ALA A 171 9.44 1.39 26.40
C ALA A 171 8.39 2.08 27.26
N SER A 172 8.49 3.41 27.32
CA SER A 172 7.50 4.20 28.02
C SER A 172 7.43 5.57 27.39
N GLY A 173 6.22 6.04 27.11
CA GLY A 173 6.05 7.39 26.64
C GLY A 173 5.19 8.20 27.58
N GLU A 174 4.46 9.14 27.00
CA GLU A 174 3.41 9.80 27.75
C GLU A 174 2.15 8.93 27.73
N LEU A 175 1.85 8.38 26.53
CA LEU A 175 0.78 7.40 26.30
C LEU A 175 0.67 6.39 27.44
N GLY A 176 1.80 5.80 27.81
CA GLY A 176 1.84 4.72 28.76
C GLY A 176 3.17 3.99 28.60
N ASN A 177 3.30 2.86 29.28
CA ASN A 177 4.48 2.04 29.08
C ASN A 177 4.06 0.68 28.53
N GLY A 178 5.05 -0.04 27.97
CA GLY A 178 4.86 -1.40 27.50
C GLY A 178 6.14 -2.20 27.71
N ASN A 179 5.98 -3.53 27.81
CA ASN A 179 7.14 -4.38 27.66
C ASN A 179 6.75 -5.74 27.10
N ILE A 180 7.71 -6.31 26.39
CA ILE A 180 7.59 -7.57 25.69
C ILE A 180 8.66 -8.49 26.27
N LYS A 181 8.23 -9.66 26.72
CA LYS A 181 9.14 -10.67 27.25
C LYS A 181 9.17 -11.85 26.28
N LEU A 182 10.35 -12.12 25.72
CA LEU A 182 10.64 -13.37 25.04
C LEU A 182 11.18 -14.38 26.03
N SER A 183 11.00 -15.66 25.70
CA SER A 183 11.59 -16.75 26.47
C SER A 183 12.30 -17.69 25.52
N GLN A 184 13.25 -18.46 26.05
CA GLN A 184 13.98 -19.42 25.23
C GLN A 184 13.03 -20.49 24.71
N THR A 185 13.35 -21.04 23.54
CA THR A 185 12.48 -22.03 22.91
C THR A 185 12.56 -23.37 23.63
N GLU A 191 14.27 -24.81 14.84
CA GLU A 191 15.04 -23.56 14.75
C GLU A 191 14.48 -22.67 13.64
N GLU A 192 15.15 -21.54 13.40
CA GLU A 192 14.71 -20.46 12.52
C GLU A 192 13.61 -19.62 13.18
N GLU A 193 12.76 -20.28 13.98
CA GLU A 193 11.81 -19.60 14.84
C GLU A 193 12.18 -19.79 16.31
N ALA A 194 13.42 -20.26 16.56
CA ALA A 194 13.92 -20.48 17.90
C ALA A 194 14.54 -19.21 18.48
N VAL A 195 14.38 -19.05 19.79
CA VAL A 195 14.99 -17.97 20.55
C VAL A 195 15.95 -18.57 21.56
N THR A 196 17.18 -18.05 21.57
CA THR A 196 18.32 -18.74 22.16
C THR A 196 19.22 -17.71 22.83
N ILE A 197 19.44 -17.85 24.13
CA ILE A 197 20.30 -16.93 24.85
C ILE A 197 21.57 -17.64 25.30
N GLU A 198 22.72 -17.05 24.98
CA GLU A 198 24.00 -17.45 25.54
C GLU A 198 24.47 -16.33 26.44
N MET A 199 24.00 -16.33 27.69
CA MET A 199 24.35 -15.27 28.60
C MET A 199 25.50 -15.68 29.52
N ASN A 200 26.26 -14.67 29.93
CA ASN A 200 27.40 -14.78 30.81
C ASN A 200 27.20 -13.95 32.06
N GLU A 201 26.40 -12.88 31.97
CA GLU A 201 25.99 -12.10 33.13
C GLU A 201 24.79 -11.29 32.70
N PRO A 202 23.81 -11.03 33.59
CA PRO A 202 22.64 -10.26 33.17
C PRO A 202 23.00 -8.83 32.76
N VAL A 203 22.30 -8.35 31.72
CA VAL A 203 22.66 -7.13 31.01
C VAL A 203 21.39 -6.29 30.83
N GLN A 204 21.50 -4.99 31.08
CA GLN A 204 20.40 -4.07 30.82
C GLN A 204 20.97 -2.79 30.20
N LEU A 205 20.54 -2.49 28.96
CA LEU A 205 20.99 -1.34 28.21
C LEU A 205 19.78 -0.60 27.64
N THR A 206 20.01 0.62 27.17
CA THR A 206 18.96 1.39 26.55
C THR A 206 19.41 1.91 25.19
N PHE A 207 18.56 1.73 24.19
CA PHE A 207 18.89 2.07 22.81
C PHE A 207 17.76 2.85 22.15
N ALA A 208 18.12 3.56 21.06
CA ALA A 208 17.17 4.41 20.36
C ALA A 208 16.42 3.58 19.34
N LEU A 209 15.08 3.56 19.46
CA LEU A 209 14.28 2.77 18.55
C LEU A 209 14.34 3.30 17.12
N ARG A 210 14.63 4.59 16.94
CA ARG A 210 14.70 5.14 15.59
C ARG A 210 15.80 4.41 14.81
N TYR A 211 16.94 4.15 15.47
CA TYR A 211 18.05 3.48 14.80
C TYR A 211 17.75 2.01 14.61
N LEU A 212 17.28 1.33 15.65
CA LEU A 212 16.94 -0.07 15.50
C LEU A 212 16.04 -0.27 14.28
N ASN A 213 15.11 0.64 14.05
CA ASN A 213 14.17 0.48 12.94
C ASN A 213 14.83 0.72 11.60
N PHE A 214 15.98 1.39 11.56
CA PHE A 214 16.81 1.40 10.36
C PHE A 214 17.47 0.04 10.16
N PHE A 215 18.02 -0.53 11.24
CA PHE A 215 18.68 -1.82 11.19
C PHE A 215 17.74 -2.89 10.65
N THR A 216 16.48 -2.89 11.09
CA THR A 216 15.60 -4.01 10.73
C THR A 216 15.25 -4.02 9.24
N LYS A 217 15.66 -3.00 8.48
CA LYS A 217 15.45 -3.02 7.04
C LYS A 217 16.28 -4.13 6.40
N ALA A 218 17.27 -4.66 7.11
CA ALA A 218 18.03 -5.82 6.70
C ALA A 218 17.31 -7.14 6.93
N THR A 219 16.08 -7.12 7.49
CA THR A 219 15.37 -8.35 7.83
C THR A 219 15.27 -9.33 6.65
N PRO A 220 15.13 -8.92 5.38
CA PRO A 220 15.09 -9.90 4.29
C PRO A 220 16.34 -10.75 4.08
N LEU A 221 17.48 -10.38 4.68
CA LEU A 221 18.73 -11.08 4.39
C LEU A 221 18.90 -12.39 5.17
N SER A 222 18.02 -12.67 6.14
CA SER A 222 18.17 -13.82 7.04
C SER A 222 16.98 -13.91 7.99
N SER A 223 16.47 -15.10 8.24
CA SER A 223 15.31 -15.21 9.11
C SER A 223 15.68 -15.19 10.59
N THR A 224 16.97 -14.95 10.90
CA THR A 224 17.50 -14.95 12.24
C THR A 224 18.26 -13.65 12.44
N VAL A 225 18.36 -13.20 13.68
CA VAL A 225 19.13 -12.02 14.01
C VAL A 225 19.87 -12.32 15.29
N THR A 226 21.02 -11.68 15.47
CA THR A 226 21.79 -11.92 16.67
C THR A 226 22.04 -10.59 17.34
N LEU A 227 21.62 -10.50 18.59
CA LEU A 227 21.85 -9.34 19.41
C LEU A 227 22.94 -9.69 20.41
N SER A 228 23.99 -8.90 20.45
CA SER A 228 25.08 -9.15 21.36
C SER A 228 25.27 -7.89 22.18
N MET A 229 25.52 -8.03 23.48
CA MET A 229 25.55 -6.84 24.30
C MET A 229 26.35 -7.08 25.57
N SER A 230 26.96 -6.00 26.04
CA SER A 230 27.66 -5.93 27.31
C SER A 230 27.46 -4.52 27.84
N ALA A 231 27.67 -4.35 29.14
CA ALA A 231 27.33 -3.10 29.81
C ALA A 231 28.11 -1.93 29.19
N ASP A 232 27.40 -0.81 29.03
CA ASP A 232 28.00 0.47 28.67
C ASP A 232 28.72 0.45 27.32
N VAL A 233 28.48 -0.57 26.49
CA VAL A 233 29.13 -0.70 25.19
C VAL A 233 28.07 -0.93 24.13
N PRO A 234 28.42 -0.73 22.84
CA PRO A 234 27.41 -0.78 21.78
C PRO A 234 26.82 -2.16 21.57
N LEU A 235 25.51 -2.17 21.30
CA LEU A 235 24.83 -3.38 20.87
C LEU A 235 25.26 -3.73 19.45
N VAL A 236 25.23 -5.02 19.16
CA VAL A 236 25.57 -5.54 17.83
C VAL A 236 24.36 -6.30 17.34
N VAL A 237 23.90 -5.95 16.15
CA VAL A 237 22.73 -6.56 15.55
C VAL A 237 23.25 -7.17 14.26
N GLU A 238 23.28 -8.50 14.20
CA GLU A 238 23.92 -9.19 13.10
C GLU A 238 22.97 -10.06 12.30
N TYR A 239 23.01 -9.88 10.99
CA TYR A 239 22.29 -10.68 10.00
C TYR A 239 23.32 -11.43 9.15
N LYS A 240 23.39 -12.75 9.31
CA LYS A 240 24.28 -13.53 8.46
C LYS A 240 23.73 -13.50 7.04
N ILE A 241 24.59 -13.27 6.06
CA ILE A 241 24.25 -13.44 4.66
C ILE A 241 24.79 -14.81 4.24
N ALA A 242 23.90 -15.80 4.16
CA ALA A 242 24.33 -17.19 4.04
C ALA A 242 25.23 -17.36 2.82
N ASP A 243 26.36 -18.04 3.03
CA ASP A 243 27.34 -18.34 1.98
C ASP A 243 28.00 -17.09 1.42
N MET A 244 28.25 -16.10 2.28
CA MET A 244 28.65 -14.79 1.80
C MET A 244 29.38 -14.06 2.91
N GLY A 245 28.76 -13.95 4.07
CA GLY A 245 29.29 -13.15 5.13
C GLY A 245 28.18 -12.61 6.02
N HIS A 246 28.19 -11.32 6.28
CA HIS A 246 27.22 -10.79 7.21
C HIS A 246 26.98 -9.32 6.92
N LEU A 247 25.94 -8.79 7.57
CA LEU A 247 25.72 -7.37 7.68
C LEU A 247 25.49 -7.07 9.15
N LYS A 248 26.37 -6.27 9.75
CA LYS A 248 26.40 -6.03 11.19
C LYS A 248 26.09 -4.56 11.46
N TYR A 249 25.36 -4.31 12.56
CA TYR A 249 25.08 -2.96 12.99
C TYR A 249 25.47 -2.79 14.45
N TYR A 250 26.19 -1.70 14.74
CA TYR A 250 26.59 -1.33 16.09
C TYR A 250 25.85 -0.06 16.52
N LEU A 251 25.20 -0.09 17.67
CA LEU A 251 24.42 1.04 18.12
C LEU A 251 24.92 1.45 19.49
N ALA A 252 25.43 2.67 19.61
CA ALA A 252 25.94 3.13 20.89
C ALA A 252 24.78 3.23 21.88
N PRO A 253 25.02 2.97 23.17
CA PRO A 253 23.97 3.03 24.18
C PRO A 253 23.61 4.46 24.58
N LYS A 254 22.42 4.58 25.18
CA LYS A 254 21.99 5.79 25.88
C LYS A 254 22.27 5.64 27.37
N ILE A 255 23.10 6.52 27.92
CA ILE A 255 23.46 6.46 29.34
C ILE A 255 22.98 7.73 30.04
N MET B 1 -31.08 7.08 -30.49
CA MET B 1 -30.55 6.46 -29.28
C MET B 1 -29.20 5.80 -29.57
N PHE B 2 -28.38 5.71 -28.52
CA PHE B 2 -27.16 4.92 -28.53
C PHE B 2 -27.12 4.09 -27.25
N GLU B 3 -26.97 2.77 -27.40
CA GLU B 3 -26.91 1.86 -26.28
C GLU B 3 -25.91 0.77 -26.58
N ALA B 4 -24.77 0.80 -25.89
CA ALA B 4 -23.81 -0.26 -25.96
C ALA B 4 -23.81 -1.00 -24.63
N ARG B 5 -24.02 -2.32 -24.70
CA ARG B 5 -23.92 -3.21 -23.55
C ARG B 5 -22.67 -4.06 -23.68
N LEU B 6 -21.93 -4.20 -22.59
CA LEU B 6 -20.64 -4.85 -22.57
C LEU B 6 -20.61 -5.86 -21.44
N VAL B 7 -20.44 -7.13 -21.79
CA VAL B 7 -20.45 -8.19 -20.77
C VAL B 7 -19.20 -8.08 -19.91
N GLN B 8 -18.03 -8.02 -20.54
CA GLN B 8 -16.81 -7.76 -19.80
C GLN B 8 -16.63 -6.24 -19.67
N GLY B 9 -17.26 -5.68 -18.64
CA GLY B 9 -17.17 -4.26 -18.37
C GLY B 9 -15.81 -3.82 -17.82
N SER B 10 -15.00 -4.76 -17.36
CA SER B 10 -13.69 -4.40 -16.84
C SER B 10 -12.82 -3.74 -17.91
N ILE B 11 -13.13 -3.99 -19.20
CA ILE B 11 -12.41 -3.35 -20.28
C ILE B 11 -12.57 -1.83 -20.19
N LEU B 12 -13.82 -1.37 -20.05
CA LEU B 12 -14.07 0.06 -19.90
C LEU B 12 -13.26 0.63 -18.76
N LYS B 13 -13.30 -0.08 -17.63
CA LYS B 13 -12.57 0.32 -16.44
C LYS B 13 -11.10 0.49 -16.76
N LYS B 14 -10.50 -0.53 -17.38
CA LYS B 14 -9.09 -0.44 -17.72
C LYS B 14 -8.86 0.61 -18.81
N VAL B 15 -9.81 0.79 -19.74
CA VAL B 15 -9.63 1.78 -20.79
C VAL B 15 -9.58 3.18 -20.18
N LEU B 16 -10.43 3.45 -19.18
CA LEU B 16 -10.46 4.80 -18.67
C LEU B 16 -9.33 5.08 -17.69
N GLU B 17 -8.92 4.09 -16.90
CA GLU B 17 -7.74 4.25 -16.06
C GLU B 17 -6.54 4.66 -16.91
N ALA B 18 -6.43 4.11 -18.11
CA ALA B 18 -5.28 4.38 -18.97
C ALA B 18 -5.38 5.74 -19.64
N LEU B 19 -6.60 6.29 -19.73
CA LEU B 19 -6.84 7.56 -20.38
C LEU B 19 -6.75 8.73 -19.40
N LYS B 20 -7.36 8.58 -18.21
CA LYS B 20 -7.58 9.70 -17.29
C LYS B 20 -6.27 10.40 -16.90
N ASP B 21 -5.15 9.67 -16.86
CA ASP B 21 -3.91 10.29 -16.40
C ASP B 21 -3.10 10.91 -17.54
N LEU B 22 -3.63 10.88 -18.77
CA LEU B 22 -2.98 11.55 -19.89
C LEU B 22 -3.80 12.74 -20.38
N ILE B 23 -5.11 12.55 -20.48
CA ILE B 23 -6.01 13.53 -21.08
C ILE B 23 -7.24 13.69 -20.18
N ASN B 24 -7.64 14.94 -19.99
CA ASN B 24 -8.76 15.25 -19.11
C ASN B 24 -10.09 15.03 -19.82
N GLU B 25 -10.30 15.72 -20.94
CA GLU B 25 -11.54 15.62 -21.72
C GLU B 25 -11.21 15.17 -23.13
N ALA B 26 -12.15 14.43 -23.74
CA ALA B 26 -11.98 13.98 -25.11
C ALA B 26 -13.35 13.74 -25.72
N CYS B 27 -13.37 13.59 -27.05
CA CYS B 27 -14.59 13.44 -27.82
C CYS B 27 -14.76 11.98 -28.25
N TRP B 28 -15.95 11.44 -28.01
CA TRP B 28 -16.27 10.06 -28.29
C TRP B 28 -17.14 10.01 -29.55
N ASP B 29 -16.55 9.53 -30.66
CA ASP B 29 -17.30 9.37 -31.91
C ASP B 29 -18.00 8.02 -31.90
N ILE B 30 -19.33 8.07 -31.91
CA ILE B 30 -20.19 6.89 -31.95
C ILE B 30 -20.79 6.78 -33.36
N SER B 31 -20.59 5.64 -34.00
CA SER B 31 -21.18 5.41 -35.30
C SER B 31 -21.65 3.97 -35.35
N SER B 32 -22.04 3.54 -36.54
CA SER B 32 -22.47 2.16 -36.71
C SER B 32 -21.34 1.19 -36.41
N SER B 33 -20.10 1.62 -36.65
CA SER B 33 -18.92 0.76 -36.54
C SER B 33 -18.29 0.80 -35.16
N GLY B 34 -18.89 1.56 -34.23
CA GLY B 34 -18.46 1.54 -32.85
C GLY B 34 -17.96 2.90 -32.38
N VAL B 35 -16.99 2.86 -31.48
CA VAL B 35 -16.52 4.03 -30.73
C VAL B 35 -15.11 4.37 -31.20
N ASN B 36 -14.92 5.61 -31.58
CA ASN B 36 -13.60 6.14 -31.89
C ASN B 36 -13.35 7.33 -30.98
N LEU B 37 -12.12 7.40 -30.45
CA LEU B 37 -11.64 8.51 -29.65
C LEU B 37 -10.25 8.88 -30.16
N GLN B 38 -9.96 10.18 -30.19
CA GLN B 38 -8.70 10.67 -30.71
C GLN B 38 -8.45 12.02 -30.07
N SER B 39 -7.35 12.15 -29.34
CA SER B 39 -7.17 13.26 -28.43
C SER B 39 -5.69 13.43 -28.09
N MET B 40 -5.27 14.70 -27.96
CA MET B 40 -3.92 15.06 -27.55
C MET B 40 -3.89 15.42 -26.07
N ASP B 41 -2.71 15.28 -25.45
CA ASP B 41 -2.58 15.75 -24.07
C ASP B 41 -2.57 17.28 -24.08
N SER B 42 -2.69 17.89 -22.90
CA SER B 42 -2.86 19.33 -22.82
C SER B 42 -1.67 20.12 -23.37
N SER B 43 -0.53 19.48 -23.64
CA SER B 43 0.66 20.17 -24.12
C SER B 43 1.06 19.72 -25.52
N HIS B 44 0.19 18.98 -26.21
CA HIS B 44 0.38 18.59 -27.61
C HIS B 44 1.71 17.89 -27.85
N VAL B 45 2.16 17.12 -26.87
CA VAL B 45 3.37 16.32 -27.03
C VAL B 45 2.99 14.90 -27.44
N SER B 46 1.80 14.47 -27.05
CA SER B 46 1.34 13.13 -27.33
C SER B 46 -0.08 13.16 -27.91
N LEU B 47 -0.52 11.99 -28.41
CA LEU B 47 -1.87 11.78 -28.89
C LEU B 47 -2.32 10.35 -28.60
N VAL B 48 -3.54 10.21 -28.10
CA VAL B 48 -4.19 8.92 -27.86
C VAL B 48 -5.29 8.70 -28.91
N GLN B 49 -5.41 7.46 -29.36
CA GLN B 49 -6.46 7.04 -30.28
C GLN B 49 -6.95 5.66 -29.85
N LEU B 50 -8.21 5.60 -29.41
CA LEU B 50 -8.87 4.38 -28.97
C LEU B 50 -9.90 3.95 -30.02
N THR B 51 -9.91 2.66 -30.37
CA THR B 51 -10.96 2.12 -31.23
C THR B 51 -11.69 1.00 -30.51
N LEU B 52 -13.02 1.14 -30.38
CA LEU B 52 -13.86 0.06 -29.86
C LEU B 52 -14.86 -0.33 -30.93
N ARG B 53 -14.58 -1.43 -31.63
CA ARG B 53 -15.43 -1.88 -32.73
C ARG B 53 -16.83 -2.22 -32.20
N SER B 54 -17.86 -1.95 -33.02
CA SER B 54 -19.25 -2.16 -32.60
C SER B 54 -19.55 -3.64 -32.38
N GLU B 55 -18.97 -4.51 -33.21
CA GLU B 55 -19.14 -5.95 -33.06
C GLU B 55 -18.34 -6.52 -31.89
N GLY B 56 -17.79 -5.65 -31.03
CA GLY B 56 -17.04 -6.09 -29.86
C GLY B 56 -17.89 -6.04 -28.60
N PHE B 57 -19.05 -5.37 -28.68
CA PHE B 57 -19.99 -5.27 -27.59
C PHE B 57 -20.96 -6.45 -27.64
N ASP B 58 -21.77 -6.57 -26.58
CA ASP B 58 -22.77 -7.62 -26.54
C ASP B 58 -24.04 -7.17 -27.27
N THR B 59 -24.56 -5.99 -26.95
CA THR B 59 -25.50 -5.33 -27.83
C THR B 59 -24.93 -3.98 -28.22
N TYR B 60 -25.23 -3.54 -29.44
CA TYR B 60 -24.77 -2.24 -29.91
C TYR B 60 -25.86 -1.64 -30.79
N ARG B 61 -26.26 -0.42 -30.44
CA ARG B 61 -27.32 0.33 -31.09
C ARG B 61 -26.86 1.77 -31.28
N CYS B 62 -27.17 2.35 -32.44
CA CYS B 62 -26.76 3.72 -32.73
C CYS B 62 -27.66 4.29 -33.82
N ASP B 63 -28.72 5.00 -33.42
CA ASP B 63 -29.61 5.62 -34.40
C ASP B 63 -28.86 6.67 -35.19
N ARG B 64 -28.38 7.71 -34.52
CA ARG B 64 -27.59 8.71 -35.22
C ARG B 64 -26.18 8.75 -34.62
N ASN B 65 -25.26 9.30 -35.42
CA ASN B 65 -23.88 9.49 -35.01
C ASN B 65 -23.80 10.60 -33.96
N LEU B 66 -22.98 10.37 -32.92
CA LEU B 66 -22.84 11.29 -31.80
C LEU B 66 -21.37 11.61 -31.54
N ALA B 67 -21.08 12.88 -31.31
CA ALA B 67 -19.76 13.34 -30.87
C ALA B 67 -19.86 13.77 -29.42
N MET B 68 -19.88 12.78 -28.50
CA MET B 68 -20.06 13.04 -27.07
C MET B 68 -18.84 13.71 -26.46
N GLY B 69 -19.07 14.84 -25.77
CA GLY B 69 -18.03 15.52 -25.02
C GLY B 69 -17.96 15.00 -23.59
N VAL B 70 -16.84 14.36 -23.24
CA VAL B 70 -16.77 13.57 -22.03
C VAL B 70 -15.66 14.08 -21.13
N ASN B 71 -16.00 14.30 -19.86
CA ASN B 71 -15.02 14.55 -18.80
C ASN B 71 -14.52 13.21 -18.30
N LEU B 72 -13.28 12.85 -18.66
CA LEU B 72 -12.74 11.53 -18.38
C LEU B 72 -12.36 11.36 -16.91
N THR B 73 -12.17 12.46 -16.20
CA THR B 73 -12.06 12.35 -14.76
C THR B 73 -13.39 11.88 -14.18
N SER B 74 -14.48 12.52 -14.59
CA SER B 74 -15.79 12.16 -14.08
C SER B 74 -16.14 10.72 -14.45
N MET B 75 -15.90 10.33 -15.72
CA MET B 75 -16.29 9.01 -16.19
C MET B 75 -15.47 7.93 -15.51
N SER B 76 -14.18 8.20 -15.29
CA SER B 76 -13.33 7.31 -14.50
C SER B 76 -13.93 7.05 -13.13
N LYS B 77 -14.22 8.14 -12.41
CA LYS B 77 -14.73 8.04 -11.06
C LYS B 77 -15.98 7.21 -11.01
N ILE B 78 -16.92 7.48 -11.91
CA ILE B 78 -18.14 6.68 -11.98
C ILE B 78 -17.80 5.21 -12.18
N LEU B 79 -16.88 4.95 -13.12
CA LEU B 79 -16.55 3.58 -13.48
C LEU B 79 -15.90 2.84 -12.31
N LYS B 80 -15.34 3.57 -11.35
CA LYS B 80 -14.81 2.95 -10.14
C LYS B 80 -15.92 2.29 -9.33
N CYS B 81 -17.16 2.75 -9.50
CA CYS B 81 -18.29 2.16 -8.80
C CYS B 81 -18.80 0.90 -9.50
N ALA B 82 -18.19 0.52 -10.63
CA ALA B 82 -18.48 -0.75 -11.28
C ALA B 82 -17.55 -1.83 -10.73
N GLY B 83 -18.14 -2.96 -10.38
CA GLY B 83 -17.36 -4.13 -10.00
C GLY B 83 -16.74 -4.77 -11.23
N ASN B 84 -15.73 -5.60 -11.02
CA ASN B 84 -15.07 -6.23 -12.16
C ASN B 84 -15.97 -7.25 -12.85
N GLU B 85 -16.99 -7.78 -12.15
CA GLU B 85 -17.88 -8.78 -12.72
C GLU B 85 -19.23 -8.19 -13.15
N ASP B 86 -19.31 -6.85 -13.29
CA ASP B 86 -20.55 -6.19 -13.68
C ASP B 86 -20.70 -6.15 -15.18
N ILE B 87 -21.96 -6.21 -15.63
CA ILE B 87 -22.29 -5.96 -17.03
C ILE B 87 -22.54 -4.48 -17.16
N ILE B 88 -21.66 -3.79 -17.89
CA ILE B 88 -21.77 -2.34 -18.07
C ILE B 88 -22.54 -2.05 -19.34
N THR B 89 -23.53 -1.14 -19.25
CA THR B 89 -24.23 -0.63 -20.41
C THR B 89 -24.09 0.89 -20.44
N LEU B 90 -23.90 1.45 -21.63
CA LEU B 90 -23.98 2.89 -21.82
C LEU B 90 -25.18 3.21 -22.70
N ARG B 91 -25.76 4.39 -22.46
CA ARG B 91 -27.00 4.84 -23.07
C ARG B 91 -26.97 6.36 -23.22
N ALA B 92 -27.32 6.86 -24.40
CA ALA B 92 -27.43 8.29 -24.64
C ALA B 92 -28.62 8.54 -25.58
N GLU B 93 -29.63 9.25 -25.10
CA GLU B 93 -30.90 9.37 -25.81
C GLU B 93 -30.88 10.45 -26.90
N ASP B 94 -29.72 10.67 -27.53
CA ASP B 94 -29.54 11.78 -28.46
C ASP B 94 -29.80 13.10 -27.77
N ASP B 97 -27.78 15.73 -23.77
CA ASP B 97 -26.46 16.03 -23.22
C ASP B 97 -26.24 15.27 -21.90
N THR B 98 -26.57 13.98 -21.92
CA THR B 98 -26.44 13.11 -20.75
C THR B 98 -26.08 11.70 -21.19
N LEU B 99 -24.96 11.17 -20.68
CA LEU B 99 -24.62 9.76 -20.82
C LEU B 99 -24.94 9.01 -19.53
N ALA B 100 -25.67 7.89 -19.65
CA ALA B 100 -25.92 7.00 -18.53
C ALA B 100 -24.99 5.79 -18.58
N LEU B 101 -24.70 5.24 -17.40
CA LEU B 101 -23.90 4.04 -17.23
C LEU B 101 -24.65 3.15 -16.26
N VAL B 102 -24.88 1.91 -16.67
CA VAL B 102 -25.61 0.97 -15.83
C VAL B 102 -24.70 -0.22 -15.52
N PHE B 103 -24.57 -0.52 -14.24
CA PHE B 103 -23.72 -1.61 -13.76
C PHE B 103 -24.63 -2.70 -13.19
N GLU B 104 -24.69 -3.84 -13.89
CA GLU B 104 -25.53 -4.97 -13.48
C GLU B 104 -24.65 -6.05 -12.86
N ALA B 105 -24.89 -6.33 -11.59
CA ALA B 105 -24.10 -7.29 -10.84
C ALA B 105 -24.50 -8.71 -11.21
N PRO B 106 -23.57 -9.67 -11.08
CA PRO B 106 -23.88 -11.06 -11.40
C PRO B 106 -25.13 -11.60 -10.71
N ASN B 107 -25.25 -11.34 -9.41
CA ASN B 107 -26.35 -11.88 -8.62
C ASN B 107 -27.71 -11.35 -9.08
N GLN B 108 -27.73 -10.37 -9.98
CA GLN B 108 -28.96 -9.83 -10.56
C GLN B 108 -29.86 -9.20 -9.48
N GLU B 109 -29.29 -8.83 -8.33
CA GLU B 109 -30.06 -8.19 -7.27
C GLU B 109 -29.37 -6.92 -6.78
N LYS B 110 -28.49 -6.35 -7.61
CA LYS B 110 -27.89 -5.06 -7.36
C LYS B 110 -27.68 -4.40 -8.71
N VAL B 111 -28.27 -3.24 -8.93
CA VAL B 111 -28.12 -2.50 -10.16
C VAL B 111 -27.75 -1.07 -9.81
N SER B 112 -26.76 -0.52 -10.52
CA SER B 112 -26.32 0.84 -10.30
C SER B 112 -26.56 1.65 -11.57
N ASP B 113 -27.27 2.77 -11.45
CA ASP B 113 -27.40 3.75 -12.51
C ASP B 113 -26.52 4.95 -12.16
N TYR B 114 -25.64 5.33 -13.08
CA TYR B 114 -24.89 6.56 -12.95
C TYR B 114 -25.16 7.41 -14.17
N GLU B 115 -25.05 8.72 -13.99
CA GLU B 115 -25.52 9.65 -15.01
C GLU B 115 -24.64 10.89 -14.98
N MET B 116 -24.23 11.36 -16.15
CA MET B 116 -23.17 12.35 -16.24
C MET B 116 -23.46 13.31 -17.40
N LYS B 117 -23.44 14.62 -17.10
CA LYS B 117 -23.66 15.65 -18.11
C LYS B 117 -22.52 15.62 -19.12
N LEU B 118 -22.88 15.68 -20.40
CA LEU B 118 -21.90 15.70 -21.49
C LEU B 118 -21.64 17.15 -21.91
N MET B 119 -20.62 17.34 -22.74
CA MET B 119 -20.14 18.67 -23.08
C MET B 119 -20.14 18.86 -24.60
N ASP B 120 -19.99 20.13 -25.01
CA ASP B 120 -19.80 20.50 -26.41
C ASP B 120 -18.32 20.68 -26.67
N LEU B 121 -17.71 19.76 -27.41
CA LEU B 121 -16.29 19.79 -27.73
C LEU B 121 -16.10 19.97 -29.24
N ASP B 122 -15.11 20.78 -29.62
CA ASP B 122 -14.73 20.97 -31.03
C ASP B 122 -14.28 19.62 -31.63
N GLN B 125 -10.55 17.42 -36.16
CA GLN B 125 -9.87 16.16 -35.79
C GLN B 125 -8.93 15.70 -36.91
N LEU B 126 -7.62 15.82 -36.68
CA LEU B 126 -6.65 15.46 -37.70
C LEU B 126 -6.26 13.99 -37.60
N GLY B 127 -5.20 13.68 -36.86
CA GLY B 127 -4.72 12.31 -36.70
C GLY B 127 -3.35 12.08 -37.33
N ILE B 128 -2.78 10.91 -37.06
CA ILE B 128 -1.46 10.52 -37.54
C ILE B 128 -1.62 9.49 -38.66
N PRO B 129 -1.37 9.87 -39.93
CA PRO B 129 -1.44 8.89 -41.03
C PRO B 129 -0.52 7.71 -40.82
N GLU B 130 -1.01 6.51 -41.12
CA GLU B 130 -0.22 5.32 -40.93
C GLU B 130 0.86 5.24 -42.01
N GLN B 131 2.06 4.83 -41.58
CA GLN B 131 3.20 4.68 -42.47
C GLN B 131 3.72 3.27 -42.36
N GLU B 132 4.69 2.97 -43.22
CA GLU B 132 5.64 1.89 -42.97
C GLU B 132 6.69 2.43 -42.00
N TYR B 133 6.97 1.66 -40.96
CA TYR B 133 7.97 2.07 -40.00
C TYR B 133 9.26 1.31 -40.25
N SER B 134 10.38 1.97 -39.95
CA SER B 134 11.69 1.36 -40.14
C SER B 134 11.88 0.20 -39.17
N CYS B 135 11.41 0.36 -37.93
CA CYS B 135 11.43 -0.72 -36.96
C CYS B 135 10.08 -0.85 -36.31
N VAL B 136 9.67 -2.10 -36.06
CA VAL B 136 8.45 -2.40 -35.33
C VAL B 136 8.72 -3.58 -34.41
N VAL B 137 8.44 -3.41 -33.10
CA VAL B 137 8.86 -4.32 -32.05
C VAL B 137 7.65 -4.73 -31.24
N LYS B 138 7.38 -6.03 -31.18
CA LYS B 138 6.32 -6.58 -30.35
C LYS B 138 6.99 -7.24 -29.15
N MET B 139 6.66 -6.78 -27.95
CA MET B 139 7.28 -7.28 -26.73
C MET B 139 6.20 -7.38 -25.67
N PRO B 140 6.45 -8.11 -24.57
CA PRO B 140 5.47 -8.18 -23.48
C PRO B 140 5.17 -6.81 -22.91
N SER B 141 3.91 -6.61 -22.51
CA SER B 141 3.49 -5.32 -21.99
C SER B 141 4.21 -5.02 -20.68
N GLY B 142 4.16 -5.97 -19.73
CA GLY B 142 4.80 -5.82 -18.44
C GLY B 142 6.28 -5.48 -18.54
N GLU B 143 6.96 -6.04 -19.54
CA GLU B 143 8.38 -5.78 -19.68
C GLU B 143 8.62 -4.33 -20.12
N PHE B 144 7.90 -3.87 -21.14
CA PHE B 144 8.08 -2.50 -21.58
C PHE B 144 7.72 -1.52 -20.46
N ALA B 145 6.68 -1.83 -19.68
CA ALA B 145 6.33 -1.04 -18.52
C ALA B 145 7.48 -0.99 -17.51
N ARG B 146 8.06 -2.16 -17.21
CA ARG B 146 9.11 -2.23 -16.20
C ARG B 146 10.35 -1.48 -16.69
N ILE B 147 10.64 -1.58 -17.99
CA ILE B 147 11.79 -0.89 -18.55
C ILE B 147 11.64 0.61 -18.41
N CYS B 148 10.40 1.11 -18.53
CA CYS B 148 10.15 2.54 -18.43
C CYS B 148 10.27 3.04 -17.00
N ARG B 149 9.64 2.32 -16.05
CA ARG B 149 9.79 2.67 -14.65
C ARG B 149 11.24 2.66 -14.25
N ASP B 150 11.93 1.56 -14.54
CA ASP B 150 13.35 1.45 -14.24
C ASP B 150 14.06 2.69 -14.74
N LEU B 151 13.99 2.93 -16.06
CA LEU B 151 14.85 3.94 -16.68
C LEU B 151 14.50 5.35 -16.23
N SER B 152 13.25 5.60 -15.85
CA SER B 152 12.93 6.93 -15.34
C SER B 152 13.61 7.21 -14.01
N HIS B 153 14.15 6.20 -13.31
CA HIS B 153 14.96 6.44 -12.12
C HIS B 153 16.41 6.83 -12.45
N ILE B 154 16.79 6.82 -13.72
CA ILE B 154 18.15 7.14 -14.14
C ILE B 154 18.20 8.46 -14.89
N GLY B 155 17.23 8.70 -15.77
CA GLY B 155 17.14 9.95 -16.49
C GLY B 155 15.71 10.21 -16.93
N ASP B 156 15.52 11.35 -17.62
CA ASP B 156 14.20 11.77 -18.08
C ASP B 156 13.85 11.25 -19.45
N ALA B 157 14.85 11.05 -20.30
CA ALA B 157 14.68 10.65 -21.68
C ALA B 157 15.25 9.26 -21.92
N VAL B 158 14.67 8.54 -22.87
CA VAL B 158 15.14 7.21 -23.23
C VAL B 158 15.47 7.19 -24.71
N VAL B 159 16.73 6.87 -25.03
CA VAL B 159 17.17 6.60 -26.38
C VAL B 159 16.81 5.16 -26.69
N ILE B 160 15.89 4.97 -27.65
CA ILE B 160 15.56 3.67 -28.19
C ILE B 160 16.41 3.45 -29.44
N SER B 161 17.13 2.34 -29.48
CA SER B 161 17.95 2.01 -30.62
C SER B 161 17.60 0.60 -31.07
N CYS B 162 17.31 0.45 -32.36
CA CYS B 162 16.77 -0.77 -32.90
C CYS B 162 17.64 -1.23 -34.06
N ALA B 163 18.03 -2.51 -33.99
CA ALA B 163 18.69 -3.21 -35.07
C ALA B 163 17.89 -4.47 -35.35
N LYS B 164 18.31 -5.25 -36.35
CA LYS B 164 17.67 -6.53 -36.58
C LYS B 164 17.90 -7.46 -35.40
N ASP B 165 19.05 -7.32 -34.73
CA ASP B 165 19.44 -8.19 -33.62
C ASP B 165 18.50 -7.99 -32.44
N GLY B 166 18.46 -6.78 -31.90
CA GLY B 166 17.66 -6.49 -30.75
C GLY B 166 17.42 -5.00 -30.61
N VAL B 167 16.82 -4.63 -29.50
CA VAL B 167 16.46 -3.25 -29.20
C VAL B 167 17.12 -2.85 -27.88
N LYS B 168 17.61 -1.62 -27.83
CA LYS B 168 18.35 -1.12 -26.67
C LYS B 168 17.71 0.16 -26.17
N PHE B 169 17.32 0.17 -24.89
CA PHE B 169 16.78 1.36 -24.24
C PHE B 169 17.83 1.94 -23.29
N SER B 170 18.19 3.22 -23.49
CA SER B 170 19.25 3.89 -22.74
C SER B 170 18.77 5.23 -22.18
N ALA B 171 19.12 5.48 -20.91
CA ALA B 171 18.92 6.79 -20.28
C ALA B 171 20.17 7.12 -19.49
N SER B 172 20.51 8.41 -19.44
CA SER B 172 21.58 8.89 -18.58
C SER B 172 21.06 10.09 -17.79
N GLY B 173 21.70 10.35 -16.66
CA GLY B 173 21.26 11.40 -15.77
C GLY B 173 22.42 11.99 -14.99
N GLU B 174 22.11 12.54 -13.83
CA GLU B 174 23.19 13.05 -12.99
C GLU B 174 23.81 11.90 -12.20
N LEU B 175 23.03 10.85 -11.88
CA LEU B 175 23.49 9.73 -11.06
C LEU B 175 23.91 8.51 -11.89
N GLY B 176 24.63 8.70 -13.03
CA GLY B 176 25.11 7.61 -13.88
C GLY B 176 24.26 7.39 -15.14
N ASN B 177 24.52 6.27 -15.83
CA ASN B 177 23.78 5.90 -17.04
C ASN B 177 23.41 4.42 -17.03
N GLY B 178 22.41 4.07 -17.83
CA GLY B 178 21.96 2.68 -17.94
C GLY B 178 21.50 2.32 -19.35
N ASN B 179 21.60 1.02 -19.67
CA ASN B 179 21.21 0.44 -20.94
C ASN B 179 20.49 -0.87 -20.69
N ILE B 180 19.32 -1.08 -21.31
CA ILE B 180 18.63 -2.35 -21.24
C ILE B 180 18.52 -2.91 -22.67
N LYS B 181 19.17 -4.04 -22.91
CA LYS B 181 19.21 -4.67 -24.23
C LYS B 181 18.22 -5.83 -24.27
N LEU B 182 17.46 -5.91 -25.36
CA LEU B 182 16.59 -7.06 -25.60
C LEU B 182 16.99 -7.71 -26.91
N SER B 183 16.72 -9.00 -27.04
CA SER B 183 17.05 -9.71 -28.27
C SER B 183 15.78 -10.35 -28.82
N GLN B 184 15.92 -11.15 -29.88
CA GLN B 184 14.78 -11.82 -30.48
C GLN B 184 14.97 -13.34 -30.48
N ALA B 194 8.01 -13.18 -25.37
CA ALA B 194 8.22 -13.09 -26.82
C ALA B 194 8.55 -11.65 -27.30
N VAL B 195 9.68 -11.49 -27.99
CA VAL B 195 10.13 -10.21 -28.55
C VAL B 195 10.43 -10.39 -30.04
N THR B 196 9.78 -9.58 -30.89
CA THR B 196 9.89 -9.70 -32.34
C THR B 196 10.13 -8.34 -32.99
N ILE B 197 11.18 -8.24 -33.81
CA ILE B 197 11.53 -7.02 -34.51
C ILE B 197 11.34 -7.22 -36.02
N GLU B 198 10.75 -6.22 -36.66
CA GLU B 198 10.59 -6.18 -38.11
C GLU B 198 11.27 -4.92 -38.62
N MET B 199 12.62 -4.90 -38.58
CA MET B 199 13.42 -3.80 -39.11
C MET B 199 13.42 -3.83 -40.64
N ASN B 200 13.20 -2.68 -41.24
CA ASN B 200 13.61 -2.47 -42.61
C ASN B 200 14.65 -1.36 -42.68
N GLU B 201 14.94 -0.71 -41.55
CA GLU B 201 16.06 0.21 -41.47
C GLU B 201 16.30 0.38 -39.98
N PRO B 202 17.56 0.51 -39.56
CA PRO B 202 17.86 0.75 -38.15
C PRO B 202 17.47 2.16 -37.71
N VAL B 203 16.92 2.28 -36.50
CA VAL B 203 16.48 3.56 -35.97
C VAL B 203 17.19 3.87 -34.65
N GLN B 204 17.19 5.15 -34.28
CA GLN B 204 17.63 5.61 -32.97
C GLN B 204 16.93 6.93 -32.64
N LEU B 205 16.20 6.95 -31.52
CA LEU B 205 15.32 8.07 -31.23
C LEU B 205 15.34 8.36 -29.74
N THR B 206 14.92 9.57 -29.38
CA THR B 206 14.85 9.98 -27.99
C THR B 206 13.41 10.35 -27.67
N PHE B 207 12.92 9.83 -26.55
CA PHE B 207 11.57 10.11 -26.08
C PHE B 207 11.62 10.43 -24.60
N ALA B 208 10.54 11.06 -24.13
CA ALA B 208 10.41 11.42 -22.73
C ALA B 208 9.84 10.24 -21.95
N LEU B 209 10.55 9.86 -20.88
CA LEU B 209 10.06 8.77 -20.05
C LEU B 209 8.80 9.19 -19.33
N ARG B 210 8.66 10.47 -19.00
CA ARG B 210 7.46 10.94 -18.33
C ARG B 210 6.22 10.53 -19.13
N TYR B 211 6.29 10.63 -20.46
CA TYR B 211 5.12 10.34 -21.28
C TYR B 211 4.93 8.84 -21.47
N LEU B 212 6.02 8.08 -21.67
CA LEU B 212 5.85 6.64 -21.86
C LEU B 212 5.22 5.99 -20.63
N ASN B 213 5.45 6.55 -19.44
CA ASN B 213 4.89 5.94 -18.24
C ASN B 213 3.42 6.27 -18.02
N PHE B 214 2.95 7.36 -18.62
CA PHE B 214 1.52 7.54 -18.73
C PHE B 214 0.92 6.50 -19.66
N PHE B 215 1.58 6.22 -20.79
CA PHE B 215 1.04 5.26 -21.73
C PHE B 215 0.94 3.89 -21.06
N THR B 216 1.94 3.52 -20.28
CA THR B 216 1.97 2.16 -19.75
C THR B 216 0.90 1.93 -18.66
N LYS B 217 0.08 2.94 -18.32
CA LYS B 217 -1.14 2.63 -17.56
C LYS B 217 -2.07 1.74 -18.39
N ALA B 218 -1.87 1.69 -19.72
CA ALA B 218 -2.62 0.78 -20.58
C ALA B 218 -2.22 -0.68 -20.43
N THR B 219 -1.21 -0.99 -19.61
CA THR B 219 -0.66 -2.34 -19.62
C THR B 219 -1.66 -3.45 -19.30
N PRO B 220 -2.67 -3.29 -18.43
CA PRO B 220 -3.57 -4.42 -18.14
C PRO B 220 -4.55 -4.77 -19.24
N LEU B 221 -4.51 -4.07 -20.39
CA LEU B 221 -5.43 -4.33 -21.48
C LEU B 221 -4.90 -5.38 -22.47
N SER B 222 -3.59 -5.66 -22.44
CA SER B 222 -3.02 -6.67 -23.30
C SER B 222 -1.66 -7.08 -22.74
N SER B 223 -1.34 -8.35 -22.89
CA SER B 223 -0.06 -8.85 -22.40
C SER B 223 1.06 -8.48 -23.35
N THR B 224 0.74 -7.71 -24.40
CA THR B 224 1.72 -7.35 -25.40
C THR B 224 1.52 -5.91 -25.83
N VAL B 225 2.62 -5.28 -26.24
CA VAL B 225 2.66 -3.92 -26.74
C VAL B 225 3.50 -3.93 -28.02
N THR B 226 3.20 -3.00 -28.94
CA THR B 226 3.97 -2.89 -30.18
C THR B 226 4.49 -1.46 -30.33
N LEU B 227 5.81 -1.33 -30.50
CA LEU B 227 6.47 -0.04 -30.66
C LEU B 227 6.86 0.11 -32.12
N SER B 228 6.46 1.22 -32.76
CA SER B 228 6.78 1.48 -34.15
C SER B 228 7.65 2.74 -34.25
N MET B 229 8.82 2.61 -34.89
CA MET B 229 9.76 3.71 -34.95
C MET B 229 10.22 3.97 -36.37
N SER B 230 10.25 5.25 -36.73
CA SER B 230 10.93 5.75 -37.92
C SER B 230 11.58 7.08 -37.56
N ALA B 231 12.65 7.40 -38.26
CA ALA B 231 13.47 8.56 -37.92
C ALA B 231 12.63 9.84 -37.90
N ASP B 232 12.83 10.66 -36.86
CA ASP B 232 12.29 12.01 -36.74
C ASP B 232 10.76 12.06 -36.73
N VAL B 233 10.10 10.93 -36.49
CA VAL B 233 8.64 10.91 -36.47
C VAL B 233 8.18 10.29 -35.16
N PRO B 234 6.93 10.55 -34.75
CA PRO B 234 6.48 10.09 -33.43
C PRO B 234 6.56 8.58 -33.28
N LEU B 235 6.75 8.15 -32.03
CA LEU B 235 6.65 6.74 -31.67
C LEU B 235 5.18 6.35 -31.58
N VAL B 236 4.90 5.10 -31.93
CA VAL B 236 3.58 4.53 -31.74
C VAL B 236 3.68 3.36 -30.79
N VAL B 237 2.96 3.46 -29.68
CA VAL B 237 2.94 2.43 -28.66
C VAL B 237 1.52 1.89 -28.61
N GLU B 238 1.34 0.65 -29.06
CA GLU B 238 0.02 0.13 -29.42
C GLU B 238 -0.34 -1.09 -28.58
N TYR B 239 -1.54 -1.06 -28.00
CA TYR B 239 -2.05 -2.11 -27.14
C TYR B 239 -3.32 -2.66 -27.77
N LYS B 240 -3.30 -3.96 -28.11
CA LYS B 240 -4.47 -4.57 -28.73
C LYS B 240 -5.46 -5.04 -27.67
N ILE B 241 -6.68 -4.50 -27.73
CA ILE B 241 -7.75 -4.85 -26.80
C ILE B 241 -8.51 -6.02 -27.42
N ALA B 242 -8.32 -7.21 -26.83
CA ALA B 242 -8.72 -8.48 -27.45
C ALA B 242 -10.12 -8.40 -28.01
N ASP B 243 -10.24 -8.67 -29.33
CA ASP B 243 -11.52 -8.75 -30.04
C ASP B 243 -12.33 -7.46 -29.95
N MET B 244 -11.69 -6.29 -29.84
CA MET B 244 -12.44 -5.05 -29.79
C MET B 244 -11.79 -3.93 -30.61
N GLY B 245 -10.48 -3.79 -30.49
CA GLY B 245 -9.81 -2.76 -31.23
C GLY B 245 -8.43 -2.51 -30.66
N HIS B 246 -8.16 -1.28 -30.27
CA HIS B 246 -6.82 -0.96 -29.82
C HIS B 246 -6.84 0.38 -29.11
N LEU B 247 -5.86 0.54 -28.22
CA LEU B 247 -5.52 1.83 -27.66
C LEU B 247 -4.15 2.18 -28.20
N LYS B 248 -4.05 3.30 -28.92
CA LYS B 248 -2.81 3.71 -29.57
C LYS B 248 -2.31 5.01 -28.96
N TYR B 249 -1.00 5.05 -28.66
CA TYR B 249 -0.36 6.26 -28.16
C TYR B 249 0.68 6.73 -29.16
N TYR B 250 0.83 8.03 -29.29
CA TYR B 250 1.80 8.61 -30.20
C TYR B 250 2.58 9.66 -29.42
N LEU B 251 3.91 9.66 -29.55
CA LEU B 251 4.75 10.55 -28.77
C LEU B 251 5.81 11.18 -29.67
N ALA B 252 5.85 12.52 -29.69
CA ALA B 252 6.79 13.23 -30.53
C ALA B 252 8.23 12.99 -30.05
N PRO B 253 9.22 13.09 -30.95
CA PRO B 253 10.60 12.83 -30.57
C PRO B 253 11.32 14.08 -30.09
N LYS B 254 12.36 13.86 -29.30
CA LYS B 254 13.29 14.91 -28.91
C LYS B 254 14.43 14.94 -29.93
N ILE B 255 14.62 16.08 -30.60
CA ILE B 255 15.66 16.18 -31.61
C ILE B 255 16.70 17.26 -31.26
N MET C 1 -10.62 -5.49 41.95
CA MET C 1 -10.08 -6.03 40.71
C MET C 1 -11.15 -6.28 39.66
N PHE C 2 -10.89 -5.75 38.47
CA PHE C 2 -11.55 -6.14 37.24
C PHE C 2 -10.53 -6.82 36.33
N GLU C 3 -10.91 -7.97 35.77
CA GLU C 3 -10.03 -8.72 34.88
C GLU C 3 -10.83 -9.53 33.87
N ALA C 4 -10.53 -9.36 32.58
CA ALA C 4 -11.31 -9.96 31.50
C ALA C 4 -10.37 -10.55 30.44
N ARG C 5 -10.40 -11.88 30.29
CA ARG C 5 -9.59 -12.60 29.32
C ARG C 5 -10.38 -12.90 28.06
N LEU C 6 -9.81 -12.55 26.90
CA LEU C 6 -10.44 -12.85 25.62
C LEU C 6 -9.45 -13.58 24.74
N VAL C 7 -9.74 -14.87 24.47
CA VAL C 7 -8.85 -15.71 23.68
C VAL C 7 -8.78 -15.19 22.24
N GLN C 8 -9.93 -14.78 21.69
CA GLN C 8 -9.98 -14.16 20.36
C GLN C 8 -9.75 -12.65 20.47
N GLY C 9 -8.55 -12.29 20.93
CA GLY C 9 -8.15 -10.91 21.17
C GLY C 9 -8.34 -9.98 19.99
N SER C 10 -8.46 -10.53 18.78
CA SER C 10 -8.56 -9.71 17.57
C SER C 10 -9.87 -8.91 17.58
N ILE C 11 -10.90 -9.46 18.21
CA ILE C 11 -12.15 -8.72 18.36
C ILE C 11 -11.84 -7.34 18.93
N LEU C 12 -11.07 -7.28 20.02
CA LEU C 12 -10.70 -5.99 20.59
C LEU C 12 -9.96 -5.12 19.58
N LYS C 13 -9.00 -5.73 18.86
CA LYS C 13 -8.27 -5.01 17.81
C LYS C 13 -9.23 -4.37 16.82
N LYS C 14 -10.20 -5.16 16.34
CA LYS C 14 -11.16 -4.70 15.34
C LYS C 14 -12.19 -3.72 15.91
N VAL C 15 -12.46 -3.80 17.22
CA VAL C 15 -13.33 -2.80 17.87
C VAL C 15 -12.59 -1.47 18.01
N LEU C 16 -11.33 -1.49 18.42
CA LEU C 16 -10.62 -0.23 18.57
C LEU C 16 -10.38 0.41 17.21
N GLU C 17 -10.18 -0.39 16.17
CA GLU C 17 -10.09 0.18 14.84
C GLU C 17 -11.42 0.78 14.40
N ALA C 18 -12.53 0.18 14.82
CA ALA C 18 -13.83 0.69 14.44
C ALA C 18 -14.19 1.99 15.18
N LEU C 19 -13.46 2.35 16.24
CA LEU C 19 -13.88 3.48 17.07
C LEU C 19 -12.87 4.64 17.01
N LYS C 20 -11.58 4.33 16.96
CA LYS C 20 -10.52 5.36 17.08
C LYS C 20 -10.71 6.52 16.09
N ASP C 21 -11.30 6.27 14.93
CA ASP C 21 -11.34 7.33 13.91
C ASP C 21 -12.59 8.20 14.05
N LEU C 22 -13.46 7.89 15.01
CA LEU C 22 -14.70 8.63 15.17
C LEU C 22 -14.83 9.30 16.54
N ILE C 23 -14.39 8.63 17.61
CA ILE C 23 -14.36 9.22 18.94
C ILE C 23 -12.94 9.12 19.50
N ASN C 24 -12.51 10.16 20.23
CA ASN C 24 -11.16 10.25 20.80
C ASN C 24 -11.13 9.63 22.18
N GLU C 25 -12.09 9.99 23.01
CA GLU C 25 -12.20 9.47 24.35
C GLU C 25 -13.59 8.86 24.51
N ALA C 26 -13.72 7.99 25.49
CA ALA C 26 -15.01 7.34 25.72
C ALA C 26 -14.93 6.65 27.06
N CYS C 27 -16.08 6.60 27.74
CA CYS C 27 -16.17 5.96 29.04
C CYS C 27 -16.56 4.50 28.86
N TRP C 28 -15.86 3.61 29.58
CA TRP C 28 -16.13 2.18 29.56
C TRP C 28 -16.82 1.77 30.87
N ASP C 29 -18.12 1.46 30.80
CA ASP C 29 -18.83 0.94 31.96
C ASP C 29 -18.50 -0.54 32.12
N ILE C 30 -17.77 -0.87 33.19
CA ILE C 30 -17.48 -2.26 33.55
C ILE C 30 -18.42 -2.71 34.67
N SER C 31 -19.22 -3.75 34.41
CA SER C 31 -20.12 -4.31 35.42
C SER C 31 -20.13 -5.84 35.30
N SER C 32 -21.01 -6.48 36.06
CA SER C 32 -21.22 -7.92 35.94
C SER C 32 -21.74 -8.31 34.57
N SER C 33 -22.54 -7.43 33.95
CA SER C 33 -23.03 -7.68 32.59
C SER C 33 -21.91 -7.65 31.59
N GLY C 34 -20.77 -7.03 31.95
CA GLY C 34 -19.63 -6.95 31.06
C GLY C 34 -19.28 -5.50 30.76
N VAL C 35 -19.00 -5.24 29.48
CA VAL C 35 -18.51 -3.95 29.02
C VAL C 35 -19.61 -3.23 28.25
N ASN C 36 -19.79 -1.96 28.56
CA ASN C 36 -20.73 -1.14 27.83
C ASN C 36 -20.09 0.22 27.59
N LEU C 37 -20.20 0.70 26.36
CA LEU C 37 -19.60 1.96 25.95
C LEU C 37 -20.63 2.71 25.13
N GLN C 38 -20.89 3.96 25.52
CA GLN C 38 -21.78 4.84 24.78
C GLN C 38 -21.10 6.19 24.66
N SER C 39 -21.22 6.81 23.49
CA SER C 39 -20.37 7.95 23.20
C SER C 39 -20.77 8.61 21.89
N MET C 40 -20.96 9.93 21.90
CA MET C 40 -21.18 10.68 20.68
C MET C 40 -19.84 11.12 20.12
N ASP C 41 -19.79 11.34 18.81
CA ASP C 41 -18.61 11.98 18.26
C ASP C 41 -18.57 13.43 18.74
N SER C 42 -17.48 14.13 18.44
CA SER C 42 -17.26 15.44 19.03
C SER C 42 -18.27 16.47 18.53
N SER C 43 -18.89 16.24 17.38
CA SER C 43 -19.86 17.19 16.84
C SER C 43 -21.30 16.78 17.14
N HIS C 44 -21.50 15.70 17.91
CA HIS C 44 -22.83 15.28 18.36
C HIS C 44 -23.74 14.92 17.19
N VAL C 45 -23.18 14.44 16.08
CA VAL C 45 -23.98 14.05 14.92
C VAL C 45 -24.25 12.54 14.93
N SER C 46 -23.46 11.78 15.69
CA SER C 46 -23.59 10.33 15.70
C SER C 46 -23.29 9.79 17.09
N LEU C 47 -23.75 8.55 17.31
CA LEU C 47 -23.70 7.89 18.60
C LEU C 47 -23.17 6.48 18.40
N VAL C 48 -22.24 6.05 19.26
CA VAL C 48 -21.71 4.71 19.21
C VAL C 48 -22.04 3.98 20.50
N GLN C 49 -22.60 2.79 20.35
CA GLN C 49 -22.88 1.92 21.47
C GLN C 49 -22.23 0.56 21.21
N LEU C 50 -21.33 0.18 22.10
CA LEU C 50 -20.67 -1.12 22.06
C LEU C 50 -21.08 -1.89 23.29
N THR C 51 -21.48 -3.15 23.09
CA THR C 51 -21.75 -4.11 24.14
C THR C 51 -20.84 -5.32 23.95
N LEU C 52 -20.08 -5.65 24.99
CA LEU C 52 -19.37 -6.93 25.03
C LEU C 52 -19.78 -7.60 26.35
N ARG C 53 -20.63 -8.61 26.24
CA ARG C 53 -21.21 -9.33 27.37
C ARG C 53 -20.13 -10.15 28.07
N SER C 54 -20.26 -10.28 29.39
CA SER C 54 -19.21 -10.94 30.17
C SER C 54 -19.11 -12.43 29.87
N GLU C 55 -20.20 -13.04 29.38
CA GLU C 55 -20.20 -14.43 28.94
C GLU C 55 -19.44 -14.61 27.63
N GLY C 56 -19.18 -13.52 26.91
CA GLY C 56 -18.43 -13.60 25.67
C GLY C 56 -16.94 -13.68 25.93
N PHE C 57 -16.52 -13.26 27.13
CA PHE C 57 -15.15 -13.44 27.56
C PHE C 57 -14.94 -14.88 28.00
N ASP C 58 -13.70 -15.19 28.30
CA ASP C 58 -13.32 -16.52 28.73
C ASP C 58 -12.94 -16.52 30.21
N THR C 59 -12.58 -15.36 30.75
CA THR C 59 -12.43 -15.15 32.18
C THR C 59 -12.92 -13.75 32.48
N TYR C 60 -13.94 -13.62 33.35
CA TYR C 60 -14.50 -12.31 33.68
C TYR C 60 -14.60 -12.12 35.19
N ARG C 61 -14.02 -11.02 35.68
CA ARG C 61 -13.98 -10.71 37.10
C ARG C 61 -14.35 -9.25 37.29
N CYS C 62 -15.21 -8.99 38.27
CA CYS C 62 -15.65 -7.64 38.56
C CYS C 62 -15.99 -7.57 40.04
N ASP C 63 -15.15 -6.89 40.80
CA ASP C 63 -15.45 -6.68 42.21
C ASP C 63 -16.43 -5.53 42.41
N ARG C 64 -16.60 -4.68 41.41
CA ARG C 64 -17.14 -3.34 41.59
C ARG C 64 -17.33 -2.70 40.23
N ASN C 65 -18.45 -2.03 40.01
CA ASN C 65 -18.64 -1.36 38.74
C ASN C 65 -17.60 -0.27 38.59
N LEU C 66 -17.11 -0.08 37.36
CA LEU C 66 -16.09 0.91 37.05
C LEU C 66 -16.52 1.76 35.86
N ALA C 67 -16.22 3.06 35.93
CA ALA C 67 -16.39 3.97 34.80
C ALA C 67 -15.02 4.38 34.24
N MET C 68 -14.41 3.46 33.48
CA MET C 68 -13.05 3.61 32.95
C MET C 68 -13.01 4.66 31.84
N GLY C 69 -12.42 5.82 32.13
CA GLY C 69 -12.23 6.81 31.08
C GLY C 69 -11.03 6.45 30.22
N VAL C 70 -11.28 6.18 28.94
CA VAL C 70 -10.27 5.65 28.03
C VAL C 70 -10.02 6.64 26.90
N ASN C 71 -8.72 6.98 26.72
CA ASN C 71 -8.23 7.60 25.49
C ASN C 71 -8.16 6.54 24.40
N LEU C 72 -9.17 6.51 23.52
CA LEU C 72 -9.24 5.43 22.55
C LEU C 72 -8.05 5.47 21.60
N THR C 73 -7.51 6.66 21.36
CA THR C 73 -6.33 6.77 20.53
C THR C 73 -5.13 6.11 21.20
N SER C 74 -4.99 6.24 22.52
CA SER C 74 -3.91 5.54 23.21
C SER C 74 -4.16 4.03 23.21
N MET C 75 -5.39 3.61 23.49
CA MET C 75 -5.72 2.19 23.50
C MET C 75 -5.54 1.57 22.11
N SER C 76 -5.76 2.36 21.06
CA SER C 76 -5.63 1.87 19.69
C SER C 76 -4.17 1.61 19.32
N LYS C 77 -3.27 2.53 19.68
CA LYS C 77 -1.85 2.29 19.41
C LYS C 77 -1.35 1.10 20.21
N ILE C 78 -1.84 0.94 21.44
CA ILE C 78 -1.45 -0.22 22.24
C ILE C 78 -2.00 -1.50 21.62
N LEU C 79 -3.27 -1.48 21.21
CA LEU C 79 -3.85 -2.67 20.59
C LEU C 79 -3.23 -2.99 19.23
N LYS C 80 -2.57 -2.01 18.60
CA LYS C 80 -1.89 -2.31 17.35
C LYS C 80 -0.61 -3.10 17.59
N CYS C 81 -0.18 -3.25 18.85
CA CYS C 81 1.00 -4.04 19.24
C CYS C 81 0.64 -5.47 19.64
N ALA C 82 -0.61 -5.88 19.44
CA ALA C 82 -1.03 -7.24 19.69
C ALA C 82 -1.16 -7.97 18.36
N GLY C 83 -0.76 -9.24 18.36
CA GLY C 83 -0.92 -10.06 17.18
C GLY C 83 -2.31 -10.65 17.10
N ASN C 84 -2.72 -10.98 15.88
CA ASN C 84 -4.11 -11.36 15.62
C ASN C 84 -4.53 -12.65 16.29
N GLU C 85 -3.57 -13.49 16.71
CA GLU C 85 -3.88 -14.73 17.40
C GLU C 85 -3.65 -14.62 18.91
N ASP C 86 -3.33 -13.42 19.43
CA ASP C 86 -2.97 -13.28 20.83
C ASP C 86 -4.19 -13.41 21.74
N ILE C 87 -3.91 -13.72 23.01
CA ILE C 87 -4.91 -13.86 24.05
C ILE C 87 -4.81 -12.63 24.91
N ILE C 88 -5.80 -11.76 24.79
CA ILE C 88 -5.75 -10.43 25.39
C ILE C 88 -6.44 -10.46 26.74
N THR C 89 -5.86 -9.74 27.70
CA THR C 89 -6.43 -9.63 29.03
C THR C 89 -6.46 -8.15 29.41
N LEU C 90 -7.63 -7.68 29.81
CA LEU C 90 -7.78 -6.36 30.37
C LEU C 90 -7.85 -6.49 31.88
N ARG C 91 -7.20 -5.59 32.61
CA ARG C 91 -7.14 -5.69 34.06
C ARG C 91 -7.03 -4.29 34.67
N ALA C 92 -7.84 -4.02 35.68
CA ALA C 92 -7.72 -2.78 36.44
C ALA C 92 -7.95 -3.05 37.93
N GLU C 93 -7.03 -2.56 38.77
CA GLU C 93 -7.27 -2.52 40.21
C GLU C 93 -8.55 -1.74 40.49
N ASP C 94 -9.08 -1.89 41.72
CA ASP C 94 -10.35 -1.24 42.03
C ASP C 94 -10.21 0.27 42.22
N ASN C 95 -8.96 0.76 42.27
CA ASN C 95 -8.70 2.20 42.19
C ASN C 95 -9.18 2.74 40.85
N ALA C 96 -8.83 2.06 39.76
CA ALA C 96 -9.19 2.41 38.38
C ALA C 96 -8.45 3.67 37.92
N ASP C 97 -7.13 3.74 38.21
CA ASP C 97 -6.32 4.87 37.76
C ASP C 97 -5.40 4.52 36.61
N THR C 98 -5.17 3.23 36.32
CA THR C 98 -4.50 2.74 35.11
C THR C 98 -5.20 1.46 34.63
N LEU C 99 -5.11 1.22 33.32
CA LEU C 99 -5.65 0.02 32.68
C LEU C 99 -4.51 -0.80 32.10
N ALA C 100 -4.54 -2.12 32.29
CA ALA C 100 -3.49 -3.01 31.82
C ALA C 100 -4.01 -3.88 30.68
N LEU C 101 -3.24 -3.97 29.60
CA LEU C 101 -3.50 -4.93 28.53
C LEU C 101 -2.33 -5.92 28.45
N VAL C 102 -2.66 -7.20 28.35
CA VAL C 102 -1.69 -8.27 28.32
C VAL C 102 -1.98 -9.13 27.10
N PHE C 103 -0.98 -9.28 26.25
CA PHE C 103 -1.08 -10.09 25.04
C PHE C 103 -0.19 -11.29 25.28
N GLU C 104 -0.83 -12.46 25.38
CA GLU C 104 -0.13 -13.73 25.45
C GLU C 104 -0.17 -14.31 24.05
N ALA C 105 0.94 -14.20 23.34
CA ALA C 105 1.11 -15.02 22.16
C ALA C 105 0.79 -16.47 22.55
N PRO C 106 0.07 -17.23 21.71
CA PRO C 106 -0.39 -18.55 22.16
C PRO C 106 0.74 -19.54 22.41
N ASN C 107 1.90 -19.38 21.73
CA ASN C 107 3.09 -20.21 22.00
C ASN C 107 3.53 -20.11 23.46
N GLN C 108 3.11 -19.06 24.18
CA GLN C 108 3.43 -18.79 25.58
C GLN C 108 4.90 -18.40 25.81
N GLU C 109 5.69 -18.26 24.73
CA GLU C 109 7.09 -17.86 24.77
C GLU C 109 7.25 -16.36 24.52
N LYS C 110 6.14 -15.65 24.36
CA LYS C 110 6.07 -14.22 24.13
C LYS C 110 4.90 -13.66 24.92
N VAL C 111 5.16 -12.66 25.77
CA VAL C 111 4.11 -12.04 26.57
C VAL C 111 4.38 -10.53 26.65
N SER C 112 3.49 -9.74 26.06
CA SER C 112 3.56 -8.29 26.16
C SER C 112 2.63 -7.79 27.25
N ASP C 113 2.95 -6.61 27.77
CA ASP C 113 2.27 -6.06 28.93
C ASP C 113 2.30 -4.54 28.75
N TYR C 114 1.17 -3.97 28.30
CA TYR C 114 1.06 -2.53 28.13
C TYR C 114 0.17 -1.96 29.24
N GLU C 115 0.24 -0.65 29.41
CA GLU C 115 -0.38 0.00 30.55
C GLU C 115 -0.64 1.47 30.20
N MET C 116 -1.89 1.92 30.37
CA MET C 116 -2.25 3.30 30.09
C MET C 116 -3.04 3.88 31.26
N LYS C 117 -2.93 5.20 31.45
CA LYS C 117 -3.67 5.88 32.51
C LYS C 117 -5.15 6.01 32.14
N LEU C 118 -6.00 5.85 33.15
CA LEU C 118 -7.42 6.09 32.95
C LEU C 118 -7.74 7.49 33.42
N MET C 119 -8.74 8.08 32.80
CA MET C 119 -9.14 9.43 33.17
C MET C 119 -10.56 9.38 33.71
N ASP C 120 -10.93 10.42 34.44
CA ASP C 120 -12.29 10.56 34.99
C ASP C 120 -13.22 11.02 33.90
N LEU C 121 -14.08 10.10 33.44
CA LEU C 121 -15.15 10.45 32.51
C LEU C 121 -16.48 10.05 33.16
N ASP C 122 -17.42 11.00 33.22
CA ASP C 122 -18.73 10.68 33.74
C ASP C 122 -19.53 9.89 32.69
N VAL C 123 -20.39 8.99 33.18
CA VAL C 123 -21.24 8.19 32.30
C VAL C 123 -22.52 8.98 32.09
N GLU C 124 -22.55 9.77 31.01
CA GLU C 124 -23.79 10.35 30.53
C GLU C 124 -24.48 9.23 29.75
N GLN C 125 -25.24 8.42 30.51
CA GLN C 125 -25.90 7.25 29.97
C GLN C 125 -26.97 7.60 28.96
N LEU C 126 -27.38 8.88 28.90
CA LEU C 126 -28.34 9.36 27.91
C LEU C 126 -28.29 8.49 26.66
N GLY C 127 -29.41 7.84 26.31
CA GLY C 127 -29.40 6.83 25.28
C GLY C 127 -30.60 6.93 24.36
N ILE C 128 -30.54 6.18 23.25
CA ILE C 128 -31.61 6.07 22.29
C ILE C 128 -32.61 5.01 22.81
N PRO C 129 -33.89 5.33 22.98
CA PRO C 129 -34.85 4.32 23.42
C PRO C 129 -35.10 3.26 22.36
N GLU C 130 -35.05 1.99 22.78
CA GLU C 130 -35.38 0.88 21.89
C GLU C 130 -36.76 1.10 21.29
N GLN C 131 -36.94 0.63 20.06
CA GLN C 131 -38.15 0.97 19.32
C GLN C 131 -38.26 0.11 18.08
N GLU C 132 -39.49 -0.03 17.61
CA GLU C 132 -39.73 -0.57 16.28
C GLU C 132 -39.10 0.35 15.24
N TYR C 133 -38.82 -0.19 14.07
CA TYR C 133 -38.39 0.62 12.95
C TYR C 133 -39.24 0.27 11.73
N SER C 134 -39.41 1.25 10.86
CA SER C 134 -40.24 1.05 9.68
C SER C 134 -39.58 0.08 8.71
N CYS C 135 -38.28 0.27 8.43
CA CYS C 135 -37.56 -0.66 7.55
C CYS C 135 -36.28 -1.15 8.22
N VAL C 136 -36.17 -2.47 8.34
CA VAL C 136 -34.95 -3.08 8.85
C VAL C 136 -34.35 -3.92 7.73
N VAL C 137 -33.17 -3.51 7.27
CA VAL C 137 -32.49 -4.14 6.16
C VAL C 137 -31.28 -4.91 6.69
N LYS C 138 -31.21 -6.21 6.37
CA LYS C 138 -30.08 -7.07 6.72
C LYS C 138 -29.35 -7.43 5.44
N MET C 139 -28.03 -7.22 5.40
CA MET C 139 -27.31 -7.32 4.14
C MET C 139 -25.83 -7.54 4.44
N PRO C 140 -25.04 -8.01 3.47
CA PRO C 140 -23.63 -8.24 3.71
C PRO C 140 -22.90 -6.96 4.02
N SER C 141 -22.06 -7.00 5.05
CA SER C 141 -21.45 -5.78 5.54
C SER C 141 -20.49 -5.21 4.51
N GLY C 142 -19.83 -6.09 3.76
CA GLY C 142 -18.94 -5.64 2.70
C GLY C 142 -19.66 -4.83 1.64
N GLU C 143 -20.90 -5.22 1.30
CA GLU C 143 -21.62 -4.54 0.24
C GLU C 143 -22.02 -3.14 0.69
N PHE C 144 -22.49 -3.03 1.93
CA PHE C 144 -22.85 -1.74 2.48
C PHE C 144 -21.63 -0.82 2.45
N ALA C 145 -20.46 -1.36 2.79
CA ALA C 145 -19.24 -0.56 2.73
C ALA C 145 -18.93 -0.11 1.30
N ARG C 146 -19.08 -1.00 0.31
CA ARG C 146 -18.79 -0.59 -1.07
C ARG C 146 -19.79 0.43 -1.57
N ILE C 147 -21.07 0.24 -1.22
CA ILE C 147 -22.09 1.20 -1.57
C ILE C 147 -21.72 2.59 -1.05
N CYS C 148 -21.30 2.67 0.21
CA CYS C 148 -20.98 3.96 0.81
C CYS C 148 -19.73 4.55 0.19
N ARG C 149 -18.69 3.75 0.00
CA ARG C 149 -17.47 4.23 -0.64
C ARG C 149 -17.75 4.70 -2.06
N ASP C 150 -18.47 3.87 -2.83
CA ASP C 150 -18.84 4.23 -4.19
C ASP C 150 -19.50 5.60 -4.19
N LEU C 151 -20.63 5.72 -3.49
CA LEU C 151 -21.46 6.91 -3.60
C LEU C 151 -20.73 8.15 -3.14
N SER C 152 -19.83 8.02 -2.16
CA SER C 152 -19.15 9.20 -1.66
C SER C 152 -18.19 9.79 -2.69
N HIS C 153 -17.93 9.08 -3.78
CA HIS C 153 -17.26 9.70 -4.93
C HIS C 153 -18.21 10.57 -5.75
N ILE C 154 -19.52 10.50 -5.49
CA ILE C 154 -20.50 11.25 -6.27
C ILE C 154 -20.95 12.49 -5.51
N GLY C 155 -21.31 12.31 -4.24
CA GLY C 155 -21.86 13.38 -3.42
C GLY C 155 -21.59 13.17 -1.93
N ASP C 156 -22.04 14.14 -1.13
CA ASP C 156 -21.77 14.15 0.30
C ASP C 156 -22.82 13.38 1.08
N ALA C 157 -24.06 13.37 0.58
CA ALA C 157 -25.17 12.73 1.26
C ALA C 157 -25.77 11.62 0.39
N VAL C 158 -26.31 10.61 1.05
CA VAL C 158 -26.99 9.53 0.38
C VAL C 158 -28.46 9.60 0.77
N VAL C 159 -29.34 9.34 -0.21
CA VAL C 159 -30.75 9.14 0.06
C VAL C 159 -31.04 7.65 0.05
N ILE C 160 -31.39 7.14 1.23
CA ILE C 160 -31.82 5.76 1.41
C ILE C 160 -33.34 5.71 1.33
N SER C 161 -33.85 5.14 0.24
CA SER C 161 -35.28 4.83 0.08
C SER C 161 -35.49 3.33 0.23
N CYS C 162 -36.43 2.92 1.08
CA CYS C 162 -36.64 1.52 1.39
C CYS C 162 -38.11 1.15 1.21
N ALA C 163 -38.38 0.16 0.34
CA ALA C 163 -39.72 -0.42 0.15
C ALA C 163 -39.74 -1.88 0.63
N LYS C 164 -40.78 -2.63 0.24
CA LYS C 164 -40.78 -4.07 0.51
C LYS C 164 -39.92 -4.79 -0.50
N ASP C 165 -40.09 -4.46 -1.78
CA ASP C 165 -39.24 -5.01 -2.83
C ASP C 165 -38.18 -3.98 -3.18
N GLY C 166 -37.15 -3.91 -2.34
CA GLY C 166 -35.95 -3.19 -2.67
C GLY C 166 -35.61 -2.03 -1.76
N VAL C 167 -34.32 -1.70 -1.70
CA VAL C 167 -33.83 -0.50 -1.02
C VAL C 167 -32.88 0.20 -1.98
N LYS C 168 -32.98 1.53 -2.07
CA LYS C 168 -32.18 2.31 -3.02
C LYS C 168 -31.26 3.27 -2.28
N PHE C 169 -30.07 3.47 -2.83
CA PHE C 169 -29.08 4.41 -2.31
C PHE C 169 -28.74 5.39 -3.40
N SER C 170 -28.82 6.69 -3.09
CA SER C 170 -28.67 7.70 -4.14
C SER C 170 -27.86 8.89 -3.65
N ALA C 171 -27.05 9.43 -4.54
CA ALA C 171 -26.26 10.61 -4.23
C ALA C 171 -26.22 11.49 -5.45
N SER C 172 -26.24 12.79 -5.22
CA SER C 172 -26.09 13.75 -6.29
C SER C 172 -24.95 14.69 -5.94
N GLY C 173 -24.16 15.02 -6.96
CA GLY C 173 -23.06 15.93 -6.78
C GLY C 173 -22.94 16.81 -8.01
N GLU C 174 -21.81 17.47 -8.15
CA GLU C 174 -21.57 18.30 -9.32
C GLU C 174 -21.34 17.43 -10.54
N LEU C 175 -20.53 16.37 -10.36
CA LEU C 175 -20.20 15.39 -11.38
C LEU C 175 -21.44 14.92 -12.15
N GLY C 176 -22.29 14.17 -11.45
CA GLY C 176 -23.54 13.69 -11.98
C GLY C 176 -24.32 13.12 -10.81
N ASN C 177 -24.97 11.98 -11.01
CA ASN C 177 -25.61 11.33 -9.87
C ASN C 177 -25.71 9.83 -10.11
N GLY C 178 -25.81 9.11 -9.00
CA GLY C 178 -25.88 7.66 -9.02
C GLY C 178 -26.95 7.15 -8.08
N ASN C 179 -27.49 5.99 -8.43
CA ASN C 179 -28.49 5.30 -7.62
C ASN C 179 -28.10 3.83 -7.65
N ILE C 180 -28.17 3.20 -6.48
CA ILE C 180 -27.83 1.79 -6.33
C ILE C 180 -29.05 1.11 -5.72
N LYS C 181 -29.62 0.15 -6.46
CA LYS C 181 -30.85 -0.55 -6.07
C LYS C 181 -30.52 -1.99 -5.70
N LEU C 182 -30.98 -2.42 -4.51
CA LEU C 182 -30.84 -3.79 -4.03
C LEU C 182 -32.22 -4.43 -3.95
N SER C 183 -32.36 -5.64 -4.48
CA SER C 183 -33.60 -6.40 -4.34
C SER C 183 -33.47 -7.37 -3.18
N GLN C 184 -34.60 -7.91 -2.75
CA GLN C 184 -34.60 -8.82 -1.61
C GLN C 184 -34.10 -10.21 -2.02
N THR C 185 -33.60 -10.94 -1.01
CA THR C 185 -32.89 -12.24 -1.07
C THR C 185 -31.76 -12.20 -2.07
N GLU C 193 -25.61 -14.84 4.28
CA GLU C 193 -25.49 -13.67 3.39
C GLU C 193 -26.86 -13.30 2.81
N ALA C 194 -26.87 -12.50 1.72
CA ALA C 194 -28.09 -12.05 1.05
C ALA C 194 -28.77 -10.89 1.80
N VAL C 195 -29.90 -10.43 1.25
CA VAL C 195 -30.55 -9.20 1.65
C VAL C 195 -31.97 -9.50 2.11
N THR C 196 -32.29 -9.13 3.35
CA THR C 196 -33.63 -9.37 3.87
C THR C 196 -34.18 -8.07 4.43
N ILE C 197 -35.33 -7.63 3.90
CA ILE C 197 -35.96 -6.36 4.23
C ILE C 197 -37.24 -6.64 5.01
N GLU C 198 -37.38 -6.00 6.18
CA GLU C 198 -38.63 -6.09 6.94
C GLU C 198 -39.25 -4.71 7.02
N MET C 199 -40.29 -4.48 6.21
CA MET C 199 -40.92 -3.17 6.10
C MET C 199 -42.33 -3.16 6.66
N ASN C 200 -42.58 -2.25 7.61
CA ASN C 200 -43.93 -1.86 8.02
C ASN C 200 -44.44 -0.69 7.19
N GLU C 201 -43.56 0.26 6.88
CA GLU C 201 -43.89 1.46 6.14
C GLU C 201 -42.68 1.88 5.31
N PRO C 202 -42.89 2.47 4.12
CA PRO C 202 -41.75 2.99 3.36
C PRO C 202 -41.15 4.25 4.00
N VAL C 203 -39.83 4.26 4.09
CA VAL C 203 -39.07 5.38 4.63
C VAL C 203 -38.19 5.94 3.54
N GLN C 204 -37.88 7.22 3.65
CA GLN C 204 -36.86 7.83 2.79
C GLN C 204 -36.08 8.83 3.64
N LEU C 205 -34.77 8.62 3.76
CA LEU C 205 -33.98 9.43 4.66
C LEU C 205 -32.63 9.77 4.02
N THR C 206 -32.11 10.93 4.41
CA THR C 206 -30.86 11.46 3.90
C THR C 206 -29.81 11.41 5.02
N PHE C 207 -28.56 11.15 4.63
CA PHE C 207 -27.51 10.91 5.61
C PHE C 207 -26.17 11.35 5.05
N ALA C 208 -25.23 11.65 5.96
CA ALA C 208 -23.91 12.14 5.57
C ALA C 208 -23.03 10.93 5.29
N LEU C 209 -22.65 10.74 4.03
CA LEU C 209 -21.75 9.65 3.68
C LEU C 209 -20.44 9.73 4.48
N ARG C 210 -20.02 10.95 4.82
CA ARG C 210 -18.80 11.12 5.60
C ARG C 210 -18.86 10.25 6.86
N TYR C 211 -19.96 10.39 7.60
CA TYR C 211 -20.13 9.64 8.84
C TYR C 211 -20.38 8.16 8.57
N LEU C 212 -21.17 7.84 7.53
CA LEU C 212 -21.41 6.43 7.23
C LEU C 212 -20.09 5.71 6.98
N ASN C 213 -19.16 6.36 6.29
CA ASN C 213 -17.86 5.77 6.03
C ASN C 213 -17.02 5.61 7.29
N PHE C 214 -17.30 6.36 8.36
CA PHE C 214 -16.64 6.03 9.62
C PHE C 214 -17.16 4.70 10.15
N PHE C 215 -18.44 4.43 9.95
CA PHE C 215 -19.06 3.28 10.60
C PHE C 215 -18.53 1.99 9.98
N THR C 216 -18.36 2.00 8.65
CA THR C 216 -17.97 0.79 7.96
C THR C 216 -16.59 0.31 8.37
N LYS C 217 -15.80 1.15 9.06
CA LYS C 217 -14.56 0.67 9.67
C LYS C 217 -14.83 -0.50 10.62
N ALA C 218 -16.11 -0.74 10.97
CA ALA C 218 -16.51 -1.88 11.79
C ALA C 218 -16.72 -3.15 10.98
N THR C 219 -16.75 -3.05 9.64
CA THR C 219 -17.04 -4.20 8.78
C THR C 219 -16.27 -5.47 9.17
N PRO C 220 -15.00 -5.43 9.61
CA PRO C 220 -14.31 -6.66 10.00
C PRO C 220 -14.91 -7.44 11.17
N LEU C 221 -16.03 -7.00 11.77
CA LEU C 221 -16.54 -7.67 12.95
C LEU C 221 -17.63 -8.69 12.62
N SER C 222 -18.16 -8.65 11.40
CA SER C 222 -19.28 -9.47 11.02
C SER C 222 -19.49 -9.36 9.51
N SER C 223 -20.04 -10.43 8.94
CA SER C 223 -20.27 -10.49 7.50
C SER C 223 -21.56 -9.78 7.10
N THR C 224 -22.41 -9.45 8.09
CA THR C 224 -23.67 -8.80 7.82
C THR C 224 -23.88 -7.61 8.76
N VAL C 225 -24.49 -6.58 8.20
CA VAL C 225 -24.88 -5.36 8.89
C VAL C 225 -26.39 -5.26 8.83
N THR C 226 -27.02 -4.65 9.85
CA THR C 226 -28.44 -4.31 9.74
C THR C 226 -28.59 -2.79 9.80
N LEU C 227 -29.40 -2.26 8.89
CA LEU C 227 -29.84 -0.88 8.91
C LEU C 227 -31.29 -0.83 9.38
N SER C 228 -31.55 -0.28 10.56
CA SER C 228 -32.91 0.02 10.99
C SER C 228 -33.19 1.51 10.85
N MET C 229 -34.28 1.87 10.18
CA MET C 229 -34.61 3.28 10.03
C MET C 229 -36.13 3.49 10.07
N SER C 230 -36.52 4.65 10.63
CA SER C 230 -37.87 5.20 10.64
C SER C 230 -37.80 6.63 10.10
N ALA C 231 -38.94 7.33 10.00
CA ALA C 231 -38.91 8.68 9.43
C ALA C 231 -38.52 9.72 10.47
N ASP C 232 -37.64 10.64 10.06
CA ASP C 232 -37.18 11.79 10.84
C ASP C 232 -36.43 11.40 12.12
N VAL C 233 -35.94 10.16 12.24
CA VAL C 233 -35.14 9.75 13.40
C VAL C 233 -33.81 9.18 12.91
N PRO C 234 -32.83 9.01 13.81
CA PRO C 234 -31.53 8.50 13.39
C PRO C 234 -31.60 7.10 12.79
N LEU C 235 -30.63 6.82 11.90
CA LEU C 235 -30.43 5.50 11.33
C LEU C 235 -29.57 4.65 12.27
N VAL C 236 -29.85 3.34 12.31
CA VAL C 236 -29.06 2.41 13.11
C VAL C 236 -28.31 1.50 12.15
N VAL C 237 -27.00 1.42 12.35
CA VAL C 237 -26.14 0.49 11.65
C VAL C 237 -25.56 -0.42 12.72
N GLU C 238 -25.93 -1.69 12.70
CA GLU C 238 -25.62 -2.60 13.79
C GLU C 238 -24.75 -3.72 13.25
N TYR C 239 -23.64 -3.98 13.95
CA TYR C 239 -22.72 -5.06 13.64
C TYR C 239 -22.72 -6.04 14.82
N LYS C 240 -23.02 -7.29 14.55
CA LYS C 240 -23.03 -8.28 15.61
C LYS C 240 -21.61 -8.74 15.84
N ILE C 241 -21.21 -8.79 17.12
CA ILE C 241 -19.89 -9.30 17.43
C ILE C 241 -20.08 -10.70 18.00
N ALA C 242 -19.94 -11.68 17.13
CA ALA C 242 -20.46 -13.02 17.35
C ALA C 242 -20.14 -13.52 18.74
N ASP C 243 -21.19 -13.88 19.49
CA ASP C 243 -21.09 -14.47 20.82
C ASP C 243 -20.54 -13.47 21.84
N MET C 244 -20.77 -12.18 21.63
CA MET C 244 -20.26 -11.19 22.57
C MET C 244 -21.25 -10.05 22.72
N GLY C 245 -21.85 -9.64 21.61
CA GLY C 245 -22.83 -8.59 21.65
C GLY C 245 -22.94 -7.92 20.29
N HIS C 246 -22.58 -6.63 20.26
CA HIS C 246 -22.80 -5.85 19.07
C HIS C 246 -21.96 -4.58 19.19
N LEU C 247 -21.76 -3.94 18.06
CA LEU C 247 -21.36 -2.55 17.99
C LEU C 247 -22.41 -1.86 17.14
N LYS C 248 -22.98 -0.77 17.66
CA LYS C 248 -24.15 -0.15 17.05
C LYS C 248 -23.87 1.34 16.86
N TYR C 249 -23.97 1.81 15.61
CA TYR C 249 -23.78 3.21 15.29
C TYR C 249 -25.11 3.89 15.00
N TYR C 250 -25.31 5.11 15.51
CA TYR C 250 -26.51 5.91 15.26
C TYR C 250 -26.14 7.22 14.58
N LEU C 251 -26.93 7.64 13.60
CA LEU C 251 -26.62 8.83 12.81
C LEU C 251 -27.88 9.65 12.65
N ALA C 252 -27.91 10.85 13.25
CA ALA C 252 -29.02 11.75 13.05
C ALA C 252 -29.14 12.10 11.56
N PRO C 253 -30.36 12.37 11.07
CA PRO C 253 -30.57 12.60 9.65
C PRO C 253 -30.37 14.06 9.26
N LYS C 254 -30.27 14.27 7.95
CA LYS C 254 -30.37 15.59 7.36
C LYS C 254 -31.84 15.86 7.04
N ILE C 255 -32.30 17.09 7.31
CA ILE C 255 -33.63 17.56 6.96
C ILE C 255 -33.57 19.00 6.45
N SER D 1 21.42 14.69 25.90
CA SER D 1 22.45 14.34 26.89
C SER D 1 22.85 12.85 26.82
N PRO D 2 21.90 11.91 26.99
CA PRO D 2 22.29 10.53 27.31
C PRO D 2 22.78 9.71 26.12
N GLN D 3 22.54 10.12 24.87
CA GLN D 3 22.92 9.29 23.74
C GLN D 3 24.43 9.34 23.53
N LYS D 4 25.13 8.25 23.84
CA LYS D 4 26.58 8.20 23.63
C LYS D 4 26.90 8.04 22.15
N LEU D 5 28.02 8.63 21.73
CA LEU D 5 28.50 8.45 20.37
C LEU D 5 29.30 7.15 20.25
N ILE D 6 29.31 6.60 19.04
CA ILE D 6 30.02 5.36 18.78
C ILE D 6 31.53 5.57 18.69
N ASP D 7 31.98 6.82 18.58
CA ASP D 7 33.39 7.12 18.33
C ASP D 7 34.31 6.50 19.38
N GLY D 8 34.06 6.80 20.66
CA GLY D 8 34.92 6.34 21.73
C GLY D 8 35.06 4.83 21.85
N PHE D 9 34.27 4.06 21.10
CA PHE D 9 34.34 2.60 21.13
C PHE D 9 35.14 2.03 19.95
N LEU D 10 35.72 2.90 19.10
CA LEU D 10 36.54 2.45 17.97
C LEU D 10 38.03 2.52 18.34
N LYS D 11 38.81 1.64 17.67
CA LYS D 11 40.27 1.65 17.78
C LYS D 11 40.88 0.92 16.57
N PRO E 2 14.02 21.14 -27.54
CA PRO E 2 14.37 19.80 -28.09
C PRO E 2 13.17 18.86 -28.19
N GLN E 3 12.12 19.08 -27.40
CA GLN E 3 10.92 18.27 -27.51
C GLN E 3 10.04 18.83 -28.63
N LYS E 4 9.87 18.06 -29.71
CA LYS E 4 8.93 18.49 -30.73
C LYS E 4 7.52 18.25 -30.23
N LEU E 5 6.59 19.05 -30.73
CA LEU E 5 5.17 18.80 -30.51
C LEU E 5 4.65 17.90 -31.62
N ILE E 6 3.55 17.18 -31.35
CA ILE E 6 3.03 16.23 -32.31
C ILE E 6 2.14 16.93 -33.33
N ASP E 7 1.71 18.16 -33.02
CA ASP E 7 1.36 19.14 -34.04
C ASP E 7 2.42 19.14 -35.12
N GLY E 8 2.00 19.18 -36.38
CA GLY E 8 2.99 19.11 -37.44
C GLY E 8 3.02 17.71 -38.01
N PHE E 9 3.06 16.70 -37.17
CA PHE E 9 2.85 15.35 -37.67
C PHE E 9 1.38 15.07 -37.89
N LEU E 10 0.51 15.90 -37.32
CA LEU E 10 -0.92 15.76 -37.51
C LEU E 10 -1.30 16.08 -38.95
N LYS E 11 -2.09 15.21 -39.57
CA LYS E 11 -2.65 15.44 -40.90
C LYS E 11 -4.15 15.17 -40.90
N PRO F 2 -29.30 21.90 7.71
CA PRO F 2 -29.93 20.62 7.31
C PRO F 2 -29.47 19.42 8.17
N GLN F 3 -28.26 19.42 8.72
CA GLN F 3 -27.80 18.29 9.51
C GLN F 3 -28.33 18.39 10.93
N LYS F 4 -29.24 17.50 11.31
CA LYS F 4 -29.67 17.46 12.71
C LYS F 4 -28.59 16.85 13.58
N LEU F 5 -28.65 17.17 14.87
CA LEU F 5 -27.77 16.57 15.86
C LEU F 5 -28.45 15.38 16.49
N ILE F 6 -27.65 14.47 17.04
CA ILE F 6 -28.20 13.32 17.72
C ILE F 6 -28.85 13.73 19.06
N ASP F 7 -28.51 14.90 19.60
CA ASP F 7 -28.93 15.31 20.95
C ASP F 7 -30.46 15.30 21.14
N GLY F 8 -31.21 15.75 20.13
CA GLY F 8 -32.66 15.78 20.23
C GLY F 8 -33.26 14.45 20.69
N PHE F 9 -32.68 13.34 20.26
CA PHE F 9 -33.33 12.03 20.36
C PHE F 9 -32.88 11.21 21.56
N LEU F 10 -32.16 11.81 22.52
CA LEU F 10 -31.71 11.02 23.68
C LEU F 10 -32.65 11.17 24.89
#